data_4OW1
#
_entry.id   4OW1
#
_cell.length_a   66.230
_cell.length_b   89.930
_cell.length_c   78.090
_cell.angle_alpha   90.00
_cell.angle_beta   115.08
_cell.angle_gamma   90.00
#
_symmetry.space_group_name_H-M   'P 1 21 1'
#
loop_
_entity.id
_entity.type
_entity.pdbx_description
1 polymer 'Resuscitation-promoting factor RpfC'
2 non-polymer 1,2-ETHANEDIOL
3 water water
#
_entity_poly.entity_id   1
_entity_poly.type   'polypeptide(L)'
_entity_poly.pdbx_seq_one_letter_code
;GPSPNWDAVAQCESGGNWAANTGNGKYGGLQFKPATWAAFGGVGNPAAASREQQIAVANRVLAEQGLDAWPTCGAASGLP
IALWSKPAQGIK
;
_entity_poly.pdbx_strand_id   A,B,E,X,W,T,S,U
#
loop_
_chem_comp.id
_chem_comp.type
_chem_comp.name
_chem_comp.formula
EDO non-polymer 1,2-ETHANEDIOL 'C2 H6 O2'
#
# COMPACT_ATOMS: atom_id res chain seq x y z
N GLY A 1 21.95 -19.37 15.06
CA GLY A 1 22.57 -18.70 13.88
C GLY A 1 21.71 -17.56 13.34
N PRO A 2 22.32 -16.38 13.08
CA PRO A 2 21.54 -15.12 12.73
C PRO A 2 20.59 -15.06 11.49
N SER A 3 20.95 -15.51 10.30
CA SER A 3 20.05 -15.32 9.11
C SER A 3 19.51 -13.90 8.87
N PRO A 4 20.37 -13.04 8.31
CA PRO A 4 19.90 -11.74 7.82
C PRO A 4 18.77 -12.01 6.82
N ASN A 5 17.67 -11.28 6.90
CA ASN A 5 16.63 -11.43 5.93
C ASN A 5 16.94 -10.55 4.72
N TRP A 6 17.75 -11.10 3.80
CA TRP A 6 18.14 -10.31 2.60
C TRP A 6 16.96 -10.09 1.65
N ASP A 7 15.93 -10.96 1.75
CA ASP A 7 14.74 -10.72 0.92
C ASP A 7 14.06 -9.42 1.37
N ALA A 8 13.99 -9.23 2.68
CA ALA A 8 13.47 -8.01 3.23
C ALA A 8 14.31 -6.76 2.83
N VAL A 9 15.62 -6.84 2.91
CA VAL A 9 16.52 -5.76 2.50
C VAL A 9 16.30 -5.49 1.00
N ALA A 10 16.20 -6.54 0.21
CA ALA A 10 15.93 -6.33 -1.26
C ALA A 10 14.61 -5.67 -1.55
N GLN A 11 13.58 -5.92 -0.72
CA GLN A 11 12.32 -5.31 -0.91
C GLN A 11 12.47 -3.80 -0.76
N CYS A 12 13.18 -3.42 0.29
CA CYS A 12 13.52 -2.02 0.61
CA CYS A 12 13.42 -2.01 0.55
C CYS A 12 14.30 -1.35 -0.51
N GLU A 13 15.31 -2.05 -0.96
CA GLU A 13 16.27 -1.50 -1.92
C GLU A 13 15.79 -1.41 -3.37
N SER A 14 15.16 -2.44 -3.86
CA SER A 14 14.75 -2.55 -5.18
C SER A 14 13.26 -2.89 -5.44
N GLY A 15 12.43 -3.00 -4.40
CA GLY A 15 11.10 -3.56 -4.57
C GLY A 15 11.11 -5.04 -4.83
N GLY A 16 12.18 -5.77 -4.43
CA GLY A 16 12.31 -7.17 -4.64
C GLY A 16 12.70 -7.64 -6.07
N ASN A 17 13.30 -6.75 -6.83
CA ASN A 17 13.62 -7.07 -8.22
C ASN A 17 15.10 -7.44 -8.27
N TRP A 18 15.38 -8.71 -8.23
CA TRP A 18 16.72 -9.21 -8.10
C TRP A 18 17.53 -8.85 -9.38
N ALA A 19 16.83 -8.58 -10.47
CA ALA A 19 17.43 -8.21 -11.77
C ALA A 19 17.36 -6.69 -12.00
N ALA A 20 17.19 -5.86 -10.95
CA ALA A 20 17.09 -4.47 -11.16
C ALA A 20 18.29 -3.88 -11.84
N ASN A 21 18.01 -3.06 -12.82
CA ASN A 21 19.08 -2.34 -13.54
C ASN A 21 18.50 -1.18 -14.22
N THR A 22 18.25 -0.12 -13.46
CA THR A 22 17.40 0.97 -13.96
C THR A 22 18.21 2.13 -14.51
N GLY A 23 19.53 2.12 -14.35
CA GLY A 23 20.39 3.19 -14.75
C GLY A 23 20.70 4.20 -13.67
N ASN A 24 20.48 3.84 -12.44
CA ASN A 24 20.81 4.72 -11.29
C ASN A 24 22.20 4.46 -10.71
N GLY A 25 23.01 3.64 -11.40
CA GLY A 25 24.35 3.37 -10.91
C GLY A 25 24.44 2.25 -9.90
N LYS A 26 23.29 1.58 -9.63
CA LYS A 26 23.20 0.46 -8.75
C LYS A 26 22.46 -0.75 -9.42
N TYR A 27 22.76 -1.90 -8.90
CA TYR A 27 22.43 -3.18 -9.60
C TYR A 27 21.98 -4.29 -8.75
N GLY A 28 20.91 -4.99 -9.17
CA GLY A 28 20.41 -6.16 -8.56
C GLY A 28 19.48 -5.84 -7.40
N GLY A 29 19.11 -6.86 -6.69
CA GLY A 29 18.03 -6.77 -5.69
C GLY A 29 18.51 -5.93 -4.53
N LEU A 30 19.81 -6.00 -4.27
CA LEU A 30 20.43 -5.30 -3.13
C LEU A 30 21.11 -3.98 -3.52
N GLN A 31 20.99 -3.58 -4.82
CA GLN A 31 21.48 -2.31 -5.30
C GLN A 31 22.90 -2.05 -5.06
N PHE A 32 23.74 -3.03 -5.43
CA PHE A 32 25.19 -2.91 -5.28
C PHE A 32 25.75 -1.86 -6.23
N LYS A 33 26.71 -1.06 -5.77
CA LYS A 33 27.59 -0.29 -6.67
C LYS A 33 28.69 -1.19 -7.28
N PRO A 34 29.14 -0.91 -8.52
CA PRO A 34 30.07 -1.90 -9.13
C PRO A 34 31.38 -2.08 -8.33
N ALA A 35 31.91 -1.00 -7.74
CA ALA A 35 33.22 -1.07 -7.08
C ALA A 35 33.10 -1.94 -5.82
N THR A 36 31.97 -1.89 -5.12
CA THR A 36 31.76 -2.77 -3.96
C THR A 36 31.59 -4.24 -4.38
N TRP A 37 30.80 -4.47 -5.43
CA TRP A 37 30.54 -5.85 -5.94
C TRP A 37 31.89 -6.48 -6.32
N ALA A 38 32.69 -5.78 -7.13
CA ALA A 38 34.01 -6.31 -7.56
C ALA A 38 34.93 -6.53 -6.35
N ALA A 39 34.94 -5.59 -5.42
CA ALA A 39 35.80 -5.65 -4.26
C ALA A 39 35.54 -6.88 -3.41
N PHE A 40 34.30 -7.32 -3.34
CA PHE A 40 33.92 -8.48 -2.52
C PHE A 40 33.76 -9.79 -3.30
N GLY A 41 34.30 -9.88 -4.52
CA GLY A 41 34.34 -11.14 -5.27
C GLY A 41 33.25 -11.38 -6.27
N GLY A 42 32.43 -10.37 -6.50
CA GLY A 42 31.47 -10.47 -7.55
C GLY A 42 32.12 -10.27 -8.91
N VAL A 43 31.61 -10.97 -9.88
CA VAL A 43 32.00 -10.72 -11.26
C VAL A 43 30.76 -10.35 -12.10
N GLY A 44 30.99 -9.57 -13.15
CA GLY A 44 30.00 -9.18 -14.08
C GLY A 44 28.99 -8.23 -13.42
N ASN A 45 27.85 -8.13 -14.04
CA ASN A 45 26.76 -7.26 -13.59
C ASN A 45 25.98 -7.96 -12.45
N PRO A 46 25.82 -7.31 -11.27
CA PRO A 46 25.11 -7.89 -10.20
C PRO A 46 23.69 -8.32 -10.59
N ALA A 47 23.11 -7.62 -11.54
CA ALA A 47 21.71 -7.86 -11.98
C ALA A 47 21.58 -9.10 -12.81
N ALA A 48 22.66 -9.63 -13.35
CA ALA A 48 22.72 -10.91 -14.00
C ALA A 48 23.06 -12.09 -13.09
N ALA A 49 23.47 -11.80 -11.85
CA ALA A 49 23.87 -12.86 -10.91
C ALA A 49 22.59 -13.38 -10.26
N SER A 50 22.57 -14.64 -9.89
CA SER A 50 21.41 -15.22 -9.19
C SER A 50 21.21 -14.46 -7.87
N ARG A 51 19.97 -14.49 -7.35
CA ARG A 51 19.72 -14.05 -5.98
C ARG A 51 20.73 -14.65 -5.02
N GLU A 52 20.94 -15.95 -5.13
CA GLU A 52 21.90 -16.67 -4.22
C GLU A 52 23.34 -16.07 -4.33
N GLN A 53 23.80 -15.74 -5.53
CA GLN A 53 25.14 -15.14 -5.71
C GLN A 53 25.19 -13.75 -5.17
N GLN A 54 24.14 -13.03 -5.37
CA GLN A 54 24.05 -11.68 -4.84
C GLN A 54 24.12 -11.72 -3.30
N ILE A 55 23.34 -12.62 -2.68
CA ILE A 55 23.34 -12.83 -1.23
C ILE A 55 24.72 -13.23 -0.75
N ALA A 56 25.40 -14.13 -1.43
CA ALA A 56 26.73 -14.54 -1.07
C ALA A 56 27.62 -13.32 -0.96
N VAL A 57 27.59 -12.43 -1.96
CA VAL A 57 28.44 -11.23 -1.96
C VAL A 57 28.01 -10.25 -0.84
N ALA A 58 26.72 -10.11 -0.63
CA ALA A 58 26.24 -9.31 0.55
C ALA A 58 26.69 -9.82 1.92
N ASN A 59 26.70 -11.12 2.11
CA ASN A 59 27.16 -11.72 3.36
C ASN A 59 28.62 -11.31 3.62
N ARG A 60 29.47 -11.33 2.58
CA ARG A 60 30.84 -10.84 2.72
C ARG A 60 30.95 -9.34 3.09
N VAL A 61 30.15 -8.50 2.44
CA VAL A 61 30.09 -7.07 2.72
C VAL A 61 29.69 -6.84 4.14
N LEU A 62 28.74 -7.57 4.60
CA LEU A 62 28.26 -7.49 6.00
C LEU A 62 29.34 -7.76 6.99
N ALA A 63 30.07 -8.88 6.80
CA ALA A 63 31.16 -9.24 7.67
C ALA A 63 32.19 -8.15 7.76
N GLU A 64 32.56 -7.54 6.63
CA GLU A 64 33.67 -6.51 6.60
C GLU A 64 33.25 -5.06 6.98
N GLN A 65 32.03 -4.63 6.59
CA GLN A 65 31.55 -3.28 6.73
C GLN A 65 30.33 -3.10 7.68
N GLY A 66 29.64 -4.19 8.04
CA GLY A 66 28.40 -4.14 8.81
C GLY A 66 27.19 -3.67 7.97
N LEU A 67 26.03 -3.48 8.62
CA LEU A 67 24.83 -3.04 7.96
C LEU A 67 24.93 -1.57 7.56
N ASP A 68 25.98 -0.86 7.98
CA ASP A 68 26.34 0.46 7.42
C ASP A 68 26.46 0.48 5.89
N ALA A 69 26.67 -0.67 5.26
CA ALA A 69 26.70 -0.70 3.84
C ALA A 69 25.31 -0.48 3.18
N TRP A 70 24.24 -0.66 3.96
CA TRP A 70 22.86 -0.37 3.58
C TRP A 70 22.27 0.58 4.64
N PRO A 71 22.62 1.85 4.57
CA PRO A 71 22.32 2.72 5.71
C PRO A 71 20.84 2.93 6.09
N THR A 72 19.91 2.84 5.15
CA THR A 72 18.44 2.88 5.48
C THR A 72 17.78 1.52 5.49
N CYS A 73 18.16 0.69 4.54
CA CYS A 73 17.56 -0.60 4.35
C CYS A 73 18.07 -1.71 5.30
N GLY A 74 19.23 -1.50 5.90
CA GLY A 74 19.87 -2.53 6.69
C GLY A 74 19.01 -3.08 7.79
N ALA A 75 18.25 -2.21 8.42
CA ALA A 75 17.33 -2.64 9.53
C ALA A 75 16.38 -3.73 9.10
N ALA A 76 15.99 -3.74 7.81
CA ALA A 76 15.03 -4.72 7.30
C ALA A 76 15.59 -6.15 7.37
N SER A 77 16.92 -6.29 7.50
CA SER A 77 17.57 -7.57 7.70
C SER A 77 17.06 -8.30 8.94
N GLY A 78 16.48 -7.56 9.87
CA GLY A 78 16.08 -8.15 11.12
C GLY A 78 17.21 -8.30 12.13
N LEU A 79 18.46 -7.90 11.78
CA LEU A 79 19.52 -7.91 12.75
C LEU A 79 19.49 -6.58 13.52
N PRO A 80 19.63 -6.61 14.84
CA PRO A 80 19.58 -5.31 15.57
C PRO A 80 20.65 -4.32 15.11
N ILE A 81 20.24 -3.17 14.60
CA ILE A 81 21.27 -2.26 14.05
C ILE A 81 22.24 -1.80 15.07
N ALA A 82 21.82 -1.67 16.33
CA ALA A 82 22.71 -1.15 17.33
C ALA A 82 23.90 -2.08 17.52
N LEU A 83 23.75 -3.37 17.13
CA LEU A 83 24.78 -4.40 17.39
C LEU A 83 25.53 -4.78 16.12
N TRP A 84 24.96 -4.48 14.97
CA TRP A 84 25.49 -4.97 13.66
C TRP A 84 25.82 -3.88 12.62
N SER A 85 25.75 -2.61 13.07
CA SER A 85 26.10 -1.48 12.23
C SER A 85 27.57 -1.39 11.89
N LYS A 86 28.42 -1.82 12.85
CA LYS A 86 29.86 -1.47 13.25
C LYS A 86 30.37 -0.04 13.03
N PRO B 4 0.82 -9.66 35.47
CA PRO B 4 0.30 -8.45 34.81
C PRO B 4 -0.81 -8.73 33.79
N ASN B 5 -1.89 -7.95 33.81
CA ASN B 5 -2.96 -8.14 32.84
C ASN B 5 -2.63 -7.27 31.64
N TRP B 6 -1.77 -7.80 30.76
CA TRP B 6 -1.38 -7.10 29.54
C TRP B 6 -2.58 -6.93 28.63
N ASP B 7 -3.63 -7.75 28.75
CA ASP B 7 -4.87 -7.52 27.95
C ASP B 7 -5.56 -6.20 28.40
N ALA B 8 -5.59 -5.96 29.70
CA ALA B 8 -6.11 -4.71 30.22
C ALA B 8 -5.26 -3.48 29.84
N VAL B 9 -3.94 -3.60 29.85
CA VAL B 9 -3.04 -2.54 29.42
C VAL B 9 -3.27 -2.28 27.92
N ALA B 10 -3.39 -3.37 27.14
CA ALA B 10 -3.67 -3.19 25.65
C ALA B 10 -5.01 -2.55 25.36
N GLN B 11 -6.06 -2.84 26.16
CA GLN B 11 -7.31 -2.15 26.04
C GLN B 11 -7.07 -0.63 26.19
N CYS B 12 -6.24 -0.27 27.16
CA CYS B 12 -5.91 1.16 27.43
C CYS B 12 -5.16 1.85 26.32
N GLU B 13 -4.15 1.15 25.83
CA GLU B 13 -3.23 1.68 24.89
C GLU B 13 -3.79 1.75 23.46
N SER B 14 -4.46 0.72 23.02
CA SER B 14 -4.85 0.56 21.64
C SER B 14 -6.33 0.27 21.44
N GLY B 15 -7.15 0.18 22.50
CA GLY B 15 -8.49 -0.36 22.36
C GLY B 15 -8.56 -1.87 22.14
N GLY B 16 -7.51 -2.58 22.51
CA GLY B 16 -7.41 -4.02 22.36
C GLY B 16 -7.11 -4.46 20.91
N ASN B 17 -6.50 -3.60 20.13
CA ASN B 17 -6.19 -3.96 18.73
C ASN B 17 -4.69 -4.38 18.63
N TRP B 18 -4.44 -5.66 18.68
CA TRP B 18 -3.05 -6.18 18.81
C TRP B 18 -2.28 -5.91 17.53
N ALA B 19 -3.01 -5.65 16.45
CA ALA B 19 -2.39 -5.24 15.15
C ALA B 19 -2.38 -3.72 14.90
N ALA B 20 -2.59 -2.92 15.93
CA ALA B 20 -2.66 -1.45 15.72
C ALA B 20 -1.44 -0.81 15.03
N ASN B 21 -1.71 -0.05 13.96
CA ASN B 21 -0.68 0.67 13.22
C ASN B 21 -1.28 1.86 12.54
N THR B 22 -1.53 2.94 13.32
CA THR B 22 -2.44 3.95 12.87
C THR B 22 -1.63 5.12 12.30
N GLY B 23 -0.29 5.08 12.40
CA GLY B 23 0.57 6.18 11.98
C GLY B 23 0.96 7.14 13.08
N ASN B 24 0.73 6.79 14.35
CA ASN B 24 1.08 7.69 15.45
C ASN B 24 2.44 7.35 16.02
N GLY B 25 3.26 6.58 15.29
CA GLY B 25 4.61 6.34 15.74
C GLY B 25 4.71 5.17 16.74
N LYS B 26 3.57 4.55 17.04
CA LYS B 26 3.51 3.44 17.95
C LYS B 26 2.78 2.24 17.28
N TYR B 27 3.04 1.07 17.83
CA TYR B 27 2.74 -0.19 17.14
C TYR B 27 2.26 -1.29 18.01
N GLY B 28 1.21 -1.97 17.56
CA GLY B 28 0.69 -3.13 18.22
C GLY B 28 -0.17 -2.79 19.42
N GLY B 29 -0.57 -3.85 20.10
CA GLY B 29 -1.65 -3.69 21.17
C GLY B 29 -1.15 -2.86 22.35
N LEU B 30 0.15 -2.91 22.61
CA LEU B 30 0.77 -2.22 23.75
C LEU B 30 1.45 -0.91 23.31
N GLN B 31 1.23 -0.54 22.03
CA GLN B 31 1.72 0.73 21.50
C GLN B 31 3.19 0.99 21.72
N PHE B 32 4.03 0.04 21.27
CA PHE B 32 5.50 0.14 21.45
C PHE B 32 6.06 1.16 20.48
N LYS B 33 7.05 1.91 20.93
CA LYS B 33 7.89 2.69 20.03
C LYS B 33 8.94 1.76 19.40
N PRO B 34 9.23 1.92 18.11
CA PRO B 34 10.27 1.05 17.54
C PRO B 34 11.60 0.91 18.33
N ALA B 35 12.11 1.98 18.94
CA ALA B 35 13.44 1.89 19.63
C ALA B 35 13.37 1.04 20.90
N THR B 36 12.26 1.13 21.66
CA THR B 36 12.05 0.26 22.79
C THR B 36 11.90 -1.21 22.35
N TRP B 37 11.13 -1.45 21.29
CA TRP B 37 10.85 -2.81 20.80
C TRP B 37 12.18 -3.43 20.46
N ALA B 38 12.97 -2.74 19.64
CA ALA B 38 14.28 -3.29 19.17
C ALA B 38 15.26 -3.49 20.33
N ALA B 39 15.29 -2.53 21.26
CA ALA B 39 16.18 -2.59 22.40
C ALA B 39 15.89 -3.83 23.26
N PHE B 40 14.62 -4.25 23.34
CA PHE B 40 14.25 -5.42 24.17
C PHE B 40 14.09 -6.75 23.43
N GLY B 41 14.64 -6.84 22.21
CA GLY B 41 14.67 -8.13 21.48
C GLY B 41 13.62 -8.35 20.44
N GLY B 42 12.74 -7.37 20.26
CA GLY B 42 11.75 -7.49 19.25
C GLY B 42 12.38 -7.33 17.88
N VAL B 43 11.82 -8.07 16.94
CA VAL B 43 12.15 -7.87 15.56
C VAL B 43 10.89 -7.49 14.75
N GLY B 44 11.10 -6.74 13.66
CA GLY B 44 10.05 -6.38 12.72
C GLY B 44 9.09 -5.38 13.36
N ASN B 45 7.98 -5.23 12.69
CA ASN B 45 6.93 -4.33 13.11
C ASN B 45 6.15 -4.98 14.27
N PRO B 46 6.08 -4.29 15.41
CA PRO B 46 5.34 -4.93 16.51
C PRO B 46 3.89 -5.36 16.16
N ALA B 47 3.27 -4.63 15.24
CA ALA B 47 1.88 -4.89 14.86
C ALA B 47 1.72 -6.17 14.07
N ALA B 48 2.81 -6.70 13.51
CA ALA B 48 2.85 -7.98 12.84
C ALA B 48 3.17 -9.15 13.75
N ALA B 49 3.63 -8.84 14.95
CA ALA B 49 4.00 -9.86 15.91
C ALA B 49 2.66 -10.37 16.59
N SER B 50 2.65 -11.64 17.01
CA SER B 50 1.49 -12.19 17.77
C SER B 50 1.35 -11.43 19.06
N ARG B 51 0.15 -11.50 19.66
CA ARG B 51 -0.04 -11.02 21.00
C ARG B 51 0.98 -11.65 21.99
N GLU B 52 1.16 -12.96 21.92
CA GLU B 52 2.07 -13.65 22.74
C GLU B 52 3.53 -13.08 22.64
N GLN B 53 3.98 -12.78 21.46
CA GLN B 53 5.30 -12.15 21.21
C GLN B 53 5.41 -10.74 21.71
N GLN B 54 4.32 -9.97 21.59
CA GLN B 54 4.28 -8.59 22.03
C GLN B 54 4.42 -8.65 23.55
N ILE B 55 3.68 -9.58 24.19
CA ILE B 55 3.68 -9.69 25.60
C ILE B 55 5.09 -10.10 26.11
N ALA B 56 5.76 -10.98 25.39
CA ALA B 56 7.06 -11.51 25.78
C ALA B 56 8.02 -10.33 25.86
N VAL B 57 7.96 -9.43 24.87
CA VAL B 57 8.77 -8.20 24.87
C VAL B 57 8.37 -7.29 26.00
N ALA B 58 7.08 -7.08 26.18
CA ALA B 58 6.64 -6.25 27.31
C ALA B 58 7.14 -6.74 28.68
N ASN B 59 7.11 -8.06 28.92
CA ASN B 59 7.62 -8.62 30.19
C ASN B 59 9.09 -8.26 30.43
N ARG B 60 9.92 -8.29 29.38
CA ARG B 60 11.28 -7.82 29.47
C ARG B 60 11.41 -6.32 29.81
N VAL B 61 10.60 -5.48 29.17
CA VAL B 61 10.54 -4.05 29.45
C VAL B 61 10.14 -3.80 30.91
N LEU B 62 9.15 -4.56 31.38
CA LEU B 62 8.68 -4.46 32.77
C LEU B 62 9.77 -4.75 33.78
N ALA B 63 10.49 -5.85 33.55
CA ALA B 63 11.62 -6.22 34.40
C ALA B 63 12.68 -5.14 34.46
N GLU B 64 13.05 -4.53 33.33
CA GLU B 64 14.13 -3.51 33.31
C GLU B 64 13.74 -2.07 33.73
N GLN B 65 12.54 -1.63 33.35
CA GLN B 65 12.04 -0.24 33.46
C GLN B 65 10.84 -0.04 34.41
N GLY B 66 10.17 -1.13 34.79
CA GLY B 66 8.93 -1.05 35.56
C GLY B 66 7.73 -0.56 34.71
N LEU B 67 6.62 -0.33 35.39
CA LEU B 67 5.40 0.11 34.72
C LEU B 67 5.51 1.56 34.30
N ASP B 68 6.57 2.25 34.69
CA ASP B 68 6.89 3.59 34.15
C ASP B 68 6.98 3.60 32.61
N ALA B 69 7.17 2.44 32.00
CA ALA B 69 7.21 2.41 30.55
C ALA B 69 5.83 2.65 29.91
N TRP B 70 4.76 2.50 30.71
CA TRP B 70 3.38 2.75 30.33
C TRP B 70 2.79 3.71 31.38
N PRO B 71 3.11 5.00 31.27
CA PRO B 71 2.87 5.85 32.47
C PRO B 71 1.39 6.04 32.91
N THR B 72 0.44 5.99 31.98
CA THR B 72 -0.98 6.06 32.35
C THR B 72 -1.66 4.69 32.36
N CYS B 73 -1.33 3.89 31.38
CA CYS B 73 -1.98 2.60 31.16
C CYS B 73 -1.41 1.51 32.09
N GLY B 74 -0.24 1.71 32.67
CA GLY B 74 0.39 0.68 33.49
C GLY B 74 -0.45 0.16 34.62
N ALA B 75 -1.18 1.05 35.28
CA ALA B 75 -2.09 0.66 36.40
C ALA B 75 -3.13 -0.41 35.99
N ALA B 76 -3.53 -0.44 34.71
CA ALA B 76 -4.50 -1.41 34.25
C ALA B 76 -3.95 -2.84 34.35
N SER B 77 -2.64 -3.00 34.41
CA SER B 77 -2.02 -4.29 34.66
C SER B 77 -2.56 -5.04 35.91
N GLY B 78 -3.22 -4.38 36.85
CA GLY B 78 -3.49 -5.02 38.13
C GLY B 78 -2.21 -5.56 38.76
N GLY C 1 -17.28 15.27 -26.98
CA GLY C 1 -16.33 14.27 -27.54
C GLY C 1 -16.16 12.97 -26.75
N PRO C 2 -15.71 11.89 -27.43
CA PRO C 2 -15.35 10.65 -26.76
C PRO C 2 -14.08 10.89 -25.91
N SER C 3 -14.03 10.32 -24.72
CA SER C 3 -12.90 10.60 -23.80
C SER C 3 -12.16 9.36 -23.25
N PRO C 4 -11.33 8.68 -24.09
CA PRO C 4 -10.73 7.41 -23.64
C PRO C 4 -9.80 7.67 -22.48
N ASN C 5 -9.86 6.83 -21.45
CA ASN C 5 -8.95 7.04 -20.32
C ASN C 5 -7.70 6.25 -20.58
N TRP C 6 -6.71 6.90 -21.23
CA TRP C 6 -5.51 6.21 -21.63
C TRP C 6 -4.63 5.95 -20.43
N ASP C 7 -4.80 6.73 -19.38
CA ASP C 7 -4.06 6.50 -18.16
C ASP C 7 -4.54 5.15 -17.57
N ALA C 8 -5.83 4.88 -17.57
CA ALA C 8 -6.35 3.60 -17.15
C ALA C 8 -5.82 2.43 -18.02
N VAL C 9 -5.70 2.63 -19.34
CA VAL C 9 -5.19 1.61 -20.24
C VAL C 9 -3.72 1.37 -19.95
N ALA C 10 -2.97 2.42 -19.72
CA ALA C 10 -1.54 2.31 -19.40
C ALA C 10 -1.31 1.68 -18.07
N GLN C 11 -2.20 1.92 -17.10
CA GLN C 11 -2.13 1.20 -15.82
C GLN C 11 -2.22 -0.34 -16.09
N CYS C 12 -3.17 -0.72 -16.95
N CYS C 12 -3.13 -0.68 -16.95
CA CYS C 12 -3.39 -2.12 -17.37
CA CYS C 12 -3.37 -2.00 -17.37
C CYS C 12 -2.20 -2.71 -18.12
C CYS C 12 -2.22 -2.67 -18.12
N GLU C 13 -1.70 -1.93 -19.08
CA GLU C 13 -0.64 -2.43 -19.98
C GLU C 13 0.75 -2.50 -19.37
N SER C 14 1.11 -1.51 -18.61
CA SER C 14 2.49 -1.35 -18.14
C SER C 14 2.59 -1.08 -16.69
N GLY C 15 1.52 -1.01 -15.99
CA GLY C 15 1.56 -0.55 -14.55
C GLY C 15 1.73 0.97 -14.43
N GLY C 16 1.37 1.74 -15.44
CA GLY C 16 1.52 3.13 -15.44
C GLY C 16 2.94 3.68 -15.70
N ASN C 17 3.78 2.90 -16.34
CA ASN C 17 5.12 3.34 -16.66
C ASN C 17 5.22 3.80 -18.12
N TRP C 18 5.25 5.07 -18.35
CA TRP C 18 5.19 5.65 -19.70
C TRP C 18 6.52 5.45 -20.38
N ALA C 19 7.59 5.18 -19.59
CA ALA C 19 8.89 4.83 -20.19
C ALA C 19 9.23 3.36 -20.24
N ALA C 20 8.23 2.47 -20.11
CA ALA C 20 8.50 1.05 -20.07
C ALA C 20 9.29 0.56 -21.30
N ASN C 21 10.35 -0.19 -21.04
CA ASN C 21 11.17 -0.83 -22.07
C ASN C 21 11.85 -1.98 -21.44
N THR C 22 11.11 -3.05 -21.19
CA THR C 22 11.55 -4.14 -20.38
C THR C 22 12.21 -5.22 -21.22
N GLY C 23 12.17 -5.09 -22.55
CA GLY C 23 12.74 -6.15 -23.43
C GLY C 23 11.73 -7.24 -23.81
N ASN C 24 10.46 -6.97 -23.70
CA ASN C 24 9.38 -7.87 -24.16
C ASN C 24 8.84 -7.56 -25.55
N GLY C 25 9.53 -6.73 -26.30
CA GLY C 25 9.10 -6.40 -27.65
C GLY C 25 8.07 -5.28 -27.75
N LYS C 26 7.70 -4.68 -26.60
CA LYS C 26 6.73 -3.66 -26.52
C LYS C 26 7.28 -2.47 -25.74
N TYR C 27 6.72 -1.30 -26.05
CA TYR C 27 7.35 -0.06 -25.63
C TYR C 27 6.38 0.97 -25.13
N GLY C 28 6.71 1.60 -23.99
CA GLY C 28 6.01 2.72 -23.47
C GLY C 28 4.80 2.30 -22.65
N GLY C 29 4.03 3.28 -22.26
CA GLY C 29 2.97 3.07 -21.27
C GLY C 29 1.83 2.28 -21.84
N LEU C 30 1.62 2.42 -23.15
CA LEU C 30 0.56 1.64 -23.79
C LEU C 30 1.10 0.39 -24.51
N GLN C 31 2.40 0.09 -24.33
CA GLN C 31 2.99 -1.15 -24.84
C GLN C 31 2.85 -1.39 -26.32
N PHE C 32 3.25 -0.39 -27.10
CA PHE C 32 3.15 -0.43 -28.54
C PHE C 32 4.21 -1.37 -29.07
N LYS C 33 3.84 -2.12 -30.09
CA LYS C 33 4.80 -2.82 -30.96
C LYS C 33 5.42 -1.87 -31.96
N PRO C 34 6.74 -2.01 -32.26
CA PRO C 34 7.30 -1.02 -33.17
C PRO C 34 6.54 -0.84 -34.52
N ALA C 35 6.05 -1.90 -35.12
CA ALA C 35 5.41 -1.79 -36.46
C ALA C 35 4.12 -0.97 -36.37
N THR C 36 3.35 -1.13 -35.30
CA THR C 36 2.13 -0.34 -35.11
C THR C 36 2.49 1.13 -34.88
N TRP C 37 3.50 1.37 -34.04
CA TRP C 37 3.92 2.75 -33.73
C TRP C 37 4.29 3.45 -35.04
N ALA C 38 5.13 2.82 -35.84
CA ALA C 38 5.61 3.43 -37.11
C ALA C 38 4.48 3.61 -38.13
N ALA C 39 3.62 2.61 -38.23
CA ALA C 39 2.48 2.66 -39.11
C ALA C 39 1.59 3.87 -38.82
N PHE C 40 1.48 4.27 -37.55
CA PHE C 40 0.59 5.37 -37.19
C PHE C 40 1.25 6.70 -36.92
N GLY C 41 2.49 6.88 -37.42
CA GLY C 41 3.16 8.17 -37.38
C GLY C 41 4.16 8.40 -36.30
N GLY C 42 4.36 7.38 -35.46
CA GLY C 42 5.33 7.48 -34.40
C GLY C 42 6.73 7.33 -34.92
N VAL C 43 7.64 8.11 -34.36
CA VAL C 43 9.04 7.97 -34.72
C VAL C 43 9.81 7.65 -33.44
N GLY C 44 10.92 6.94 -33.61
CA GLY C 44 11.80 6.60 -32.54
C GLY C 44 11.15 5.59 -31.60
N ASN C 45 11.78 5.44 -30.45
CA ASN C 45 11.34 4.48 -29.46
C ASN C 45 10.15 5.04 -28.78
N PRO C 46 9.03 4.30 -28.72
CA PRO C 46 7.91 4.83 -28.02
C PRO C 46 8.16 5.21 -26.54
N ALA C 47 9.06 4.48 -25.89
CA ALA C 47 9.34 4.68 -24.46
C ALA C 47 10.05 6.00 -24.22
N ALA C 48 10.60 6.60 -25.26
CA ALA C 48 11.31 7.91 -25.21
C ALA C 48 10.38 9.07 -25.57
N ALA C 49 9.20 8.73 -26.05
CA ALA C 49 8.21 9.68 -26.41
C ALA C 49 7.49 10.13 -25.17
N SER C 50 7.07 11.39 -25.11
CA SER C 50 6.24 11.86 -24.01
C SER C 50 4.96 11.02 -23.90
N ARG C 51 4.37 10.98 -22.71
CA ARG C 51 3.00 10.44 -22.55
C ARG C 51 2.09 11.04 -23.60
N GLU C 52 2.15 12.36 -23.77
CA GLU C 52 1.24 13.06 -24.71
C GLU C 52 1.42 12.61 -26.18
N GLN C 53 2.65 12.35 -26.63
CA GLN C 53 2.94 11.83 -27.93
C GLN C 53 2.47 10.35 -28.08
N GLN C 54 2.65 9.56 -27.02
CA GLN C 54 2.19 8.17 -27.02
C GLN C 54 0.67 8.17 -27.15
N ILE C 55 -0.01 9.03 -26.43
CA ILE C 55 -1.43 9.14 -26.52
C ILE C 55 -1.90 9.58 -27.94
N ALA C 56 -1.20 10.49 -28.58
CA ALA C 56 -1.58 11.03 -29.89
C ALA C 56 -1.56 9.88 -30.88
N VAL C 57 -0.53 9.03 -30.80
CA VAL C 57 -0.45 7.87 -31.63
C VAL C 57 -1.56 6.85 -31.27
N ALA C 58 -1.83 6.64 -29.98
CA ALA C 58 -2.97 5.74 -29.59
C ALA C 58 -4.32 6.18 -30.11
N ASN C 59 -4.61 7.48 -30.08
CA ASN C 59 -5.83 8.01 -30.60
C ASN C 59 -6.03 7.75 -32.11
N ARG C 60 -4.95 7.83 -32.89
CA ARG C 60 -4.96 7.42 -34.29
C ARG C 60 -5.25 5.92 -34.50
N VAL C 61 -4.61 5.08 -33.70
CA VAL C 61 -4.82 3.61 -33.72
C VAL C 61 -6.25 3.31 -33.41
N LEU C 62 -6.80 4.00 -32.43
CA LEU C 62 -8.19 3.78 -32.02
C LEU C 62 -9.14 4.05 -33.15
N ALA C 63 -8.95 5.20 -33.81
CA ALA C 63 -9.78 5.59 -34.95
C ALA C 63 -9.74 4.54 -36.08
N GLU C 64 -8.58 4.01 -36.42
CA GLU C 64 -8.44 3.08 -37.55
C GLU C 64 -8.80 1.60 -37.21
N GLN C 65 -8.44 1.13 -36.00
CA GLN C 65 -8.49 -0.28 -35.59
C GLN C 65 -9.48 -0.58 -34.42
N GLY C 66 -9.92 0.46 -33.71
CA GLY C 66 -10.77 0.27 -32.54
C GLY C 66 -9.98 -0.26 -31.36
N LEU C 67 -10.70 -0.55 -30.27
CA LEU C 67 -10.06 -1.00 -29.04
C LEU C 67 -9.53 -2.43 -29.22
N ASP C 68 -9.84 -3.09 -30.34
CA ASP C 68 -9.26 -4.41 -30.68
C ASP C 68 -7.72 -4.35 -30.68
N ALA C 69 -7.15 -3.16 -30.78
CA ALA C 69 -5.73 -3.08 -30.70
C ALA C 69 -5.17 -3.42 -29.28
N TRP C 70 -6.03 -3.34 -28.24
CA TRP C 70 -5.67 -3.60 -26.84
C TRP C 70 -6.72 -4.60 -26.35
N PRO C 71 -6.55 -5.87 -26.72
CA PRO C 71 -7.72 -6.76 -26.59
C PRO C 71 -8.21 -7.02 -25.13
N THR C 72 -7.34 -6.93 -24.14
CA THR C 72 -7.75 -7.08 -22.71
C THR C 72 -7.82 -5.79 -21.94
N CYS C 73 -6.84 -4.90 -22.23
CA CYS C 73 -6.75 -3.60 -21.61
C CYS C 73 -7.64 -2.48 -22.19
N GLY C 74 -8.14 -2.68 -23.39
CA GLY C 74 -9.01 -1.68 -24.01
C GLY C 74 -10.21 -1.23 -23.20
N ALA C 75 -10.85 -2.18 -22.52
CA ALA C 75 -12.05 -1.87 -21.69
C ALA C 75 -11.76 -0.83 -20.61
N ALA C 76 -10.51 -0.76 -20.14
CA ALA C 76 -10.13 0.21 -19.12
C ALA C 76 -10.25 1.66 -19.63
N SER C 77 -10.28 1.86 -20.95
CA SER C 77 -10.53 3.16 -21.52
C SER C 77 -11.84 3.79 -21.07
N GLY C 78 -12.77 2.98 -20.62
CA GLY C 78 -14.11 3.48 -20.26
C GLY C 78 -15.02 3.63 -21.45
N LEU C 79 -14.57 3.31 -22.65
CA LEU C 79 -15.43 3.29 -23.82
C LEU C 79 -16.09 1.93 -23.93
N PRO C 80 -17.40 1.88 -24.21
CA PRO C 80 -18.00 0.54 -24.34
C PRO C 80 -17.34 -0.31 -25.44
N ILE C 81 -16.82 -1.45 -25.04
CA ILE C 81 -16.06 -2.29 -25.96
C ILE C 81 -16.93 -2.80 -27.12
N ALA C 82 -18.22 -3.04 -26.87
CA ALA C 82 -19.09 -3.54 -27.92
C ALA C 82 -19.26 -2.52 -29.07
N LEU C 83 -19.07 -1.23 -28.79
CA LEU C 83 -19.31 -0.16 -29.79
C LEU C 83 -18.05 0.32 -30.45
N TRP C 84 -16.92 0.10 -29.79
CA TRP C 84 -15.69 0.73 -30.23
C TRP C 84 -14.62 -0.23 -30.73
N SER C 85 -14.99 -1.31 -31.43
CA SER C 85 -14.00 -1.97 -32.24
C SER C 85 -14.24 -1.95 -33.76
N LYS C 86 -14.37 -0.71 -34.26
CA LYS C 86 -14.30 -0.25 -35.71
C LYS C 86 -13.26 -0.86 -36.66
N SER D 3 0.51 -20.54 11.93
CA SER D 3 -0.52 -20.10 12.94
C SER D 3 -1.17 -18.76 12.51
N PRO D 4 -2.52 -18.79 12.33
CA PRO D 4 -3.17 -17.70 11.64
C PRO D 4 -3.10 -16.44 12.49
N ASN D 5 -2.80 -15.32 11.86
CA ASN D 5 -2.81 -14.07 12.58
C ASN D 5 -4.25 -13.45 12.55
N TRP D 6 -5.12 -13.84 13.51
CA TRP D 6 -6.53 -13.41 13.53
C TRP D 6 -6.55 -11.91 13.94
N ASP D 7 -5.47 -11.37 14.54
CA ASP D 7 -5.41 -9.94 14.87
C ASP D 7 -5.23 -9.07 13.57
N ALA D 8 -4.40 -9.54 12.65
CA ALA D 8 -4.32 -8.99 11.30
C ALA D 8 -5.60 -9.10 10.48
N VAL D 9 -6.28 -10.26 10.48
CA VAL D 9 -7.57 -10.40 9.83
C VAL D 9 -8.64 -9.41 10.49
N ALA D 10 -8.67 -9.33 11.80
CA ALA D 10 -9.67 -8.40 12.52
C ALA D 10 -9.37 -6.98 12.19
N GLN D 11 -8.11 -6.64 12.01
CA GLN D 11 -7.71 -5.23 11.56
C GLN D 11 -8.42 -4.95 10.23
N CYS D 12 -8.31 -5.93 9.33
CA CYS D 12 -8.96 -5.85 7.95
C CYS D 12 -10.46 -5.77 8.00
N GLU D 13 -11.06 -6.64 8.82
CA GLU D 13 -12.49 -6.75 8.89
C GLU D 13 -13.14 -5.57 9.57
N SER D 14 -12.61 -5.13 10.70
CA SER D 14 -13.35 -4.21 11.66
C SER D 14 -12.58 -3.00 12.08
N GLY D 15 -11.36 -2.90 11.58
CA GLY D 15 -10.36 -1.95 12.15
C GLY D 15 -9.84 -2.37 13.50
N GLY D 16 -9.83 -3.64 13.84
CA GLY D 16 -9.41 -4.10 15.17
C GLY D 16 -10.40 -3.89 16.35
N ASN D 17 -11.68 -3.87 16.08
CA ASN D 17 -12.71 -3.63 17.12
C ASN D 17 -13.40 -4.95 17.45
N TRP D 18 -12.94 -5.61 18.53
CA TRP D 18 -13.44 -6.95 18.85
C TRP D 18 -14.96 -6.89 19.24
N ALA D 19 -15.42 -5.73 19.64
CA ALA D 19 -16.83 -5.54 20.10
C ALA D 19 -17.66 -4.91 18.95
N ALA D 20 -17.15 -4.92 17.66
CA ALA D 20 -17.90 -4.26 16.61
C ALA D 20 -19.35 -4.75 16.55
N ASN D 21 -20.28 -3.78 16.54
CA ASN D 21 -21.70 -4.06 16.27
C ASN D 21 -22.32 -2.88 15.69
N THR D 22 -22.11 -2.68 14.40
CA THR D 22 -22.50 -1.44 13.79
C THR D 22 -23.90 -1.42 13.15
N GLY D 23 -24.55 -2.56 13.12
CA GLY D 23 -25.82 -2.76 12.40
C GLY D 23 -25.71 -3.25 10.97
N ASN D 24 -24.51 -3.72 10.53
CA ASN D 24 -24.32 -4.16 9.18
C ASN D 24 -24.60 -5.68 9.01
N GLY D 25 -25.19 -6.30 10.01
CA GLY D 25 -25.42 -7.70 9.95
C GLY D 25 -24.23 -8.59 10.29
N LYS D 26 -23.11 -8.01 10.70
CA LYS D 26 -21.94 -8.72 11.12
C LYS D 26 -21.48 -8.23 12.50
N TYR D 27 -20.78 -9.11 13.16
CA TYR D 27 -20.52 -8.93 14.56
C TYR D 27 -19.05 -9.27 14.93
N GLY D 28 -18.48 -8.41 15.77
CA GLY D 28 -17.21 -8.66 16.48
C GLY D 28 -16.06 -8.29 15.56
N GLY D 29 -14.89 -8.69 15.97
CA GLY D 29 -13.65 -8.27 15.30
C GLY D 29 -13.47 -8.88 13.99
N LEU D 30 -14.04 -10.08 13.83
CA LEU D 30 -13.88 -10.82 12.64
C LEU D 30 -15.16 -10.74 11.76
N GLN D 31 -16.12 -9.89 12.18
CA GLN D 31 -17.30 -9.57 11.40
C GLN D 31 -18.04 -10.88 11.00
N PHE D 32 -18.31 -11.72 11.99
CA PHE D 32 -19.11 -13.00 11.79
C PHE D 32 -20.56 -12.70 11.47
N LYS D 33 -21.13 -13.47 10.54
CA LYS D 33 -22.59 -13.52 10.36
C LYS D 33 -23.19 -14.43 11.43
N PRO D 34 -24.39 -14.11 11.95
CA PRO D 34 -24.94 -14.96 13.01
C PRO D 34 -25.04 -16.46 12.63
N ALA D 35 -25.39 -16.78 11.38
CA ALA D 35 -25.61 -18.19 11.01
C ALA D 35 -24.29 -18.99 11.04
N THR D 36 -23.17 -18.34 10.63
CA THR D 36 -21.85 -18.96 10.69
C THR D 36 -21.41 -19.16 12.15
N TRP D 37 -21.59 -18.14 12.96
CA TRP D 37 -21.23 -18.20 14.37
C TRP D 37 -21.95 -19.36 15.02
N ALA D 38 -23.28 -19.43 14.85
CA ALA D 38 -24.08 -20.47 15.51
C ALA D 38 -23.67 -21.86 15.00
N ALA D 39 -23.45 -21.95 13.69
CA ALA D 39 -23.12 -23.21 13.06
C ALA D 39 -21.85 -23.83 13.61
N PHE D 40 -20.89 -22.98 13.99
CA PHE D 40 -19.63 -23.45 14.53
C PHE D 40 -19.45 -23.39 16.07
N GLY D 41 -20.56 -23.28 16.81
CA GLY D 41 -20.53 -23.49 18.26
C GLY D 41 -20.58 -22.22 19.05
N GLY D 42 -20.73 -21.08 18.37
CA GLY D 42 -20.84 -19.86 19.07
C GLY D 42 -22.20 -19.67 19.64
N VAL D 43 -22.26 -19.09 20.82
CA VAL D 43 -23.53 -18.73 21.40
C VAL D 43 -23.52 -17.22 21.68
N GLY D 44 -24.70 -16.62 21.58
CA GLY D 44 -24.92 -15.23 21.84
C GLY D 44 -24.37 -14.36 20.72
N ASN D 45 -24.28 -13.09 21.01
CA ASN D 45 -23.80 -12.10 20.05
C ASN D 45 -22.24 -12.23 19.98
N PRO D 46 -21.70 -12.42 18.77
CA PRO D 46 -20.24 -12.50 18.70
C PRO D 46 -19.50 -11.27 19.27
N ALA D 47 -20.10 -10.11 19.17
CA ALA D 47 -19.52 -8.90 19.71
C ALA D 47 -19.42 -8.84 21.23
N ALA D 48 -20.15 -9.69 21.92
CA ALA D 48 -20.08 -9.75 23.38
C ALA D 48 -19.02 -10.75 23.82
N ALA D 49 -18.59 -11.59 22.88
CA ALA D 49 -17.68 -12.69 23.18
C ALA D 49 -16.30 -12.08 23.23
N SER D 50 -15.43 -12.65 24.04
CA SER D 50 -14.04 -12.18 24.15
CA SER D 50 -14.06 -12.19 24.12
C SER D 50 -13.35 -12.38 22.79
N ARG D 51 -12.26 -11.63 22.58
CA ARG D 51 -11.37 -11.87 21.42
C ARG D 51 -10.99 -13.32 21.38
N GLU D 52 -10.66 -13.87 22.54
CA GLU D 52 -10.23 -15.27 22.59
C GLU D 52 -11.33 -16.25 22.14
N GLN D 53 -12.56 -16.00 22.56
CA GLN D 53 -13.72 -16.89 22.12
C GLN D 53 -14.09 -16.72 20.62
N GLN D 54 -13.96 -15.49 20.10
CA GLN D 54 -14.20 -15.21 18.67
C GLN D 54 -13.15 -15.96 17.89
N ILE D 55 -11.92 -15.95 18.39
CA ILE D 55 -10.84 -16.67 17.70
C ILE D 55 -11.02 -18.19 17.71
N ALA D 56 -11.49 -18.70 18.81
CA ALA D 56 -11.81 -20.17 18.94
C ALA D 56 -12.81 -20.58 17.91
N VAL D 57 -13.91 -19.81 17.76
CA VAL D 57 -14.88 -20.08 16.68
C VAL D 57 -14.23 -19.93 15.32
N ALA D 58 -13.40 -18.89 15.10
CA ALA D 58 -12.81 -18.69 13.77
C ALA D 58 -11.93 -19.89 13.40
N ASN D 59 -11.13 -20.39 14.36
CA ASN D 59 -10.28 -21.53 14.10
C ASN D 59 -11.08 -22.80 13.61
N ARG D 60 -12.25 -23.00 14.18
CA ARG D 60 -13.19 -24.06 13.66
C ARG D 60 -13.70 -23.79 12.22
N VAL D 61 -14.05 -22.51 11.92
CA VAL D 61 -14.49 -22.13 10.60
C VAL D 61 -13.40 -22.39 9.58
N LEU D 62 -12.19 -22.02 9.96
CA LEU D 62 -11.01 -22.24 9.08
C LEU D 62 -10.81 -23.72 8.70
N ALA D 63 -10.86 -24.59 9.71
CA ALA D 63 -10.72 -26.01 9.51
C ALA D 63 -11.77 -26.59 8.55
N GLU D 64 -13.02 -26.18 8.67
CA GLU D 64 -14.11 -26.68 7.80
C GLU D 64 -14.25 -26.00 6.40
N GLN D 65 -14.04 -24.67 6.32
CA GLN D 65 -14.34 -23.82 5.14
C GLN D 65 -13.12 -23.14 4.50
N GLY D 66 -11.97 -23.15 5.16
CA GLY D 66 -10.77 -22.48 4.69
C GLY D 66 -10.91 -20.96 4.84
N LEU D 67 -9.92 -20.26 4.32
CA LEU D 67 -9.95 -18.80 4.38
C LEU D 67 -11.02 -18.19 3.46
N ASP D 68 -11.65 -19.00 2.61
CA ASP D 68 -12.77 -18.56 1.77
C ASP D 68 -13.87 -17.96 2.61
N ALA D 69 -13.86 -18.21 3.92
CA ALA D 69 -14.88 -17.61 4.76
C ALA D 69 -14.63 -16.10 4.98
N TRP D 70 -13.41 -15.62 4.70
CA TRP D 70 -13.00 -14.20 4.75
C TRP D 70 -12.37 -13.86 3.37
N PRO D 71 -13.21 -13.56 2.36
CA PRO D 71 -12.63 -13.69 1.03
C PRO D 71 -11.56 -12.63 0.66
N THR D 72 -11.60 -11.45 1.28
CA THR D 72 -10.58 -10.43 1.03
C THR D 72 -9.59 -10.34 2.17
N CYS D 73 -10.11 -10.44 3.37
CA CYS D 73 -9.33 -10.29 4.59
C CYS D 73 -8.56 -11.55 5.01
N GLY D 74 -8.91 -12.70 4.48
CA GLY D 74 -8.21 -13.94 4.80
C GLY D 74 -6.70 -13.89 4.67
N ALA D 75 -6.21 -13.29 3.59
CA ALA D 75 -4.75 -13.20 3.28
C ALA D 75 -3.95 -12.56 4.39
N ALA D 76 -4.61 -11.71 5.18
CA ALA D 76 -3.93 -11.08 6.31
C ALA D 76 -3.54 -12.08 7.39
N SER D 77 -4.15 -13.25 7.40
CA SER D 77 -3.87 -14.28 8.36
C SER D 77 -2.40 -14.74 8.24
N GLY D 78 -1.78 -14.41 7.10
CA GLY D 78 -0.38 -14.84 6.87
C GLY D 78 -0.30 -16.27 6.36
N LEU D 79 -1.43 -16.97 6.21
CA LEU D 79 -1.42 -18.33 5.65
C LEU D 79 -1.61 -18.26 4.12
N PRO D 80 -1.01 -19.18 3.36
CA PRO D 80 -1.22 -19.20 1.91
C PRO D 80 -2.60 -18.72 1.44
N GLY E 1 24.43 -28.45 -14.04
CA GLY E 1 22.94 -28.22 -14.02
C GLY E 1 22.53 -26.84 -14.55
N PRO E 2 21.43 -26.76 -15.38
CA PRO E 2 21.01 -25.47 -15.99
C PRO E 2 20.25 -24.63 -14.96
N SER E 3 20.48 -23.34 -14.93
CA SER E 3 19.82 -22.52 -13.93
C SER E 3 19.11 -21.40 -14.66
N PRO E 4 17.80 -21.56 -15.02
CA PRO E 4 17.10 -20.52 -15.71
C PRO E 4 17.10 -19.26 -14.80
N ASN E 5 17.35 -18.10 -15.38
CA ASN E 5 17.28 -16.89 -14.59
C ASN E 5 15.85 -16.34 -14.67
N TRP E 6 14.99 -16.79 -13.75
CA TRP E 6 13.63 -16.37 -13.68
C TRP E 6 13.50 -14.88 -13.22
N ASP E 7 14.53 -14.33 -12.61
CA ASP E 7 14.52 -12.91 -12.28
C ASP E 7 14.64 -12.12 -13.52
N ALA E 8 15.55 -12.55 -14.41
CA ALA E 8 15.66 -11.89 -15.70
C ALA E 8 14.40 -12.00 -16.53
N VAL E 9 13.75 -13.16 -16.59
CA VAL E 9 12.49 -13.29 -17.28
C VAL E 9 11.37 -12.37 -16.67
N ALA E 10 11.35 -12.27 -15.35
CA ALA E 10 10.40 -11.40 -14.70
C ALA E 10 10.62 -9.95 -14.96
N GLN E 11 11.90 -9.56 -15.11
CA GLN E 11 12.25 -8.16 -15.48
C GLN E 11 11.58 -7.87 -16.83
N CYS E 12 11.73 -8.85 -17.77
CA CYS E 12 11.13 -8.75 -19.11
CA CYS E 12 11.12 -8.79 -19.10
C CYS E 12 9.63 -8.69 -19.07
N GLU E 13 9.03 -9.59 -18.29
CA GLU E 13 7.60 -9.74 -18.24
C GLU E 13 6.83 -8.64 -17.49
N SER E 14 7.34 -8.24 -16.33
CA SER E 14 6.55 -7.36 -15.42
C SER E 14 7.30 -6.13 -14.99
N GLY E 15 8.54 -5.98 -15.43
CA GLY E 15 9.44 -5.01 -14.84
C GLY E 15 9.90 -5.42 -13.44
N GLY E 16 9.89 -6.69 -13.08
CA GLY E 16 10.43 -7.15 -11.83
C GLY E 16 9.43 -6.97 -10.67
N ASN E 17 8.14 -6.97 -10.97
CA ASN E 17 7.07 -6.80 -9.96
C ASN E 17 6.39 -8.14 -9.70
N TRP E 18 6.86 -8.79 -8.63
CA TRP E 18 6.35 -10.20 -8.34
C TRP E 18 4.86 -10.18 -7.92
N ALA E 19 4.35 -9.04 -7.50
CA ALA E 19 2.95 -8.91 -7.10
C ALA E 19 2.09 -8.33 -8.24
N ALA E 20 2.63 -8.21 -9.44
CA ALA E 20 1.86 -7.54 -10.53
C ALA E 20 0.44 -8.07 -10.69
N ASN E 21 -0.50 -7.16 -10.70
CA ASN E 21 -1.91 -7.46 -10.95
C ASN E 21 -2.60 -6.27 -11.53
N THR E 22 -2.38 -6.02 -12.81
CA THR E 22 -2.73 -4.72 -13.40
C THR E 22 -4.11 -4.74 -14.08
N GLY E 23 -4.73 -5.92 -14.15
CA GLY E 23 -5.99 -6.12 -14.87
C GLY E 23 -5.84 -6.56 -16.32
N ASN E 24 -4.65 -7.03 -16.72
CA ASN E 24 -4.39 -7.37 -18.10
C ASN E 24 -4.60 -8.88 -18.30
N GLY E 25 -5.24 -9.52 -17.32
CA GLY E 25 -5.46 -10.95 -17.41
C GLY E 25 -4.27 -11.84 -17.02
N LYS E 26 -3.15 -11.25 -16.56
CA LYS E 26 -1.93 -11.95 -16.20
C LYS E 26 -1.49 -11.48 -14.86
N TYR E 27 -0.73 -12.36 -14.21
CA TYR E 27 -0.52 -12.21 -12.79
C TYR E 27 0.89 -12.54 -12.39
N GLY E 28 1.43 -11.68 -11.58
CA GLY E 28 2.68 -11.91 -10.87
C GLY E 28 3.84 -11.52 -11.74
N GLY E 29 5.03 -11.88 -11.27
CA GLY E 29 6.28 -11.39 -11.88
C GLY E 29 6.50 -11.98 -13.22
N LEU E 30 6.02 -13.20 -13.44
CA LEU E 30 6.17 -13.84 -14.68
C LEU E 30 4.94 -13.80 -15.56
N GLN E 31 3.93 -13.07 -15.11
CA GLN E 31 2.72 -12.76 -15.91
C GLN E 31 1.97 -14.03 -16.32
N PHE E 32 1.64 -14.89 -15.35
CA PHE E 32 0.92 -16.12 -15.62
C PHE E 32 -0.52 -15.85 -15.98
N LYS E 33 -1.07 -16.63 -16.91
CA LYS E 33 -2.52 -16.72 -17.12
C LYS E 33 -3.13 -17.68 -16.10
N PRO E 34 -4.30 -17.36 -15.55
CA PRO E 34 -4.86 -18.29 -14.51
C PRO E 34 -4.96 -19.77 -14.93
N ALA E 35 -5.32 -20.05 -16.19
CA ALA E 35 -5.44 -21.46 -16.62
C ALA E 35 -4.06 -22.17 -16.59
N THR E 36 -2.96 -21.48 -16.95
CA THR E 36 -1.64 -22.12 -16.95
C THR E 36 -1.20 -22.34 -15.48
N TRP E 37 -1.41 -21.34 -14.63
CA TRP E 37 -1.07 -21.43 -13.23
C TRP E 37 -1.77 -22.68 -12.65
N ALA E 38 -3.08 -22.78 -12.81
CA ALA E 38 -3.85 -23.86 -12.19
C ALA E 38 -3.44 -25.22 -12.76
N ALA E 39 -3.24 -25.26 -14.07
CA ALA E 39 -2.81 -26.47 -14.75
C ALA E 39 -1.51 -27.04 -14.18
N PHE E 40 -0.59 -26.18 -13.74
CA PHE E 40 0.71 -26.64 -13.23
C PHE E 40 0.86 -26.67 -11.69
N GLY E 41 -0.26 -26.63 -10.96
CA GLY E 41 -0.23 -26.82 -9.53
C GLY E 41 -0.33 -25.63 -8.68
N GLY E 42 -0.46 -24.46 -9.30
CA GLY E 42 -0.62 -23.27 -8.56
C GLY E 42 -2.04 -23.14 -8.06
N VAL E 43 -2.17 -22.61 -6.87
CA VAL E 43 -3.48 -22.32 -6.35
C VAL E 43 -3.55 -20.82 -6.04
N GLY E 44 -4.77 -20.28 -6.10
CA GLY E 44 -5.02 -18.88 -5.78
C GLY E 44 -4.40 -17.93 -6.85
N ASN E 45 -4.34 -16.67 -6.49
CA ASN E 45 -3.86 -15.61 -7.41
C ASN E 45 -2.31 -15.64 -7.49
N PRO E 46 -1.75 -15.87 -8.67
CA PRO E 46 -0.31 -15.91 -8.72
C PRO E 46 0.40 -14.69 -8.08
N ALA E 47 -0.25 -13.52 -8.16
CA ALA E 47 0.33 -12.27 -7.59
C ALA E 47 0.41 -12.25 -6.08
N ALA E 48 -0.34 -13.14 -5.43
CA ALA E 48 -0.28 -13.30 -3.95
C ALA E 48 0.74 -14.37 -3.51
N ALA E 49 1.27 -15.15 -4.48
CA ALA E 49 2.23 -16.20 -4.20
C ALA E 49 3.60 -15.52 -4.07
N SER E 50 4.49 -16.11 -3.27
CA SER E 50 5.85 -15.61 -3.14
C SER E 50 6.58 -15.77 -4.46
N ARG E 51 7.65 -15.00 -4.64
CA ARG E 51 8.57 -15.19 -5.83
C ARG E 51 8.95 -16.63 -5.91
N GLU E 52 9.30 -17.22 -4.78
CA GLU E 52 9.72 -18.61 -4.79
C GLU E 52 8.63 -19.60 -5.31
N GLN E 53 7.38 -19.42 -4.91
CA GLN E 53 6.26 -20.25 -5.36
C GLN E 53 5.95 -20.05 -6.86
N GLN E 54 6.06 -18.82 -7.32
CA GLN E 54 5.85 -18.47 -8.72
C GLN E 54 6.93 -19.11 -9.59
N ILE E 55 8.14 -19.08 -9.10
CA ILE E 55 9.23 -19.82 -9.75
C ILE E 55 9.07 -21.31 -9.78
N ALA E 56 8.58 -21.88 -8.69
CA ALA E 56 8.35 -23.35 -8.61
C ALA E 56 7.38 -23.73 -9.71
N VAL E 57 6.28 -22.99 -9.89
CA VAL E 57 5.33 -23.23 -10.96
C VAL E 57 5.97 -23.03 -12.31
N ALA E 58 6.78 -22.00 -12.48
CA ALA E 58 7.45 -21.77 -13.78
C ALA E 58 8.38 -22.88 -14.17
N ASN E 59 9.15 -23.42 -13.20
CA ASN E 59 10.00 -24.58 -13.46
C ASN E 59 9.24 -25.83 -13.99
N ARG E 60 8.06 -26.08 -13.45
CA ARG E 60 7.16 -27.11 -14.03
C ARG E 60 6.67 -26.83 -15.45
N VAL E 61 6.32 -25.56 -15.73
CA VAL E 61 5.83 -25.14 -17.07
C VAL E 61 6.93 -25.33 -18.07
N LEU E 62 8.13 -24.99 -17.65
CA LEU E 62 9.32 -25.16 -18.51
C LEU E 62 9.50 -26.60 -18.93
N ALA E 63 9.46 -27.49 -17.95
CA ALA E 63 9.68 -28.94 -18.21
C ALA E 63 8.67 -29.49 -19.19
N GLU E 64 7.41 -29.09 -19.07
CA GLU E 64 6.35 -29.60 -19.96
C GLU E 64 6.24 -28.89 -21.34
N GLN E 65 6.44 -27.57 -21.38
CA GLN E 65 6.14 -26.71 -22.54
C GLN E 65 7.37 -26.00 -23.17
N GLY E 66 8.50 -25.97 -22.45
CA GLY E 66 9.69 -25.27 -22.90
C GLY E 66 9.54 -23.77 -22.72
N LEU E 67 10.56 -23.05 -23.18
CA LEU E 67 10.52 -21.59 -23.10
C LEU E 67 9.48 -20.99 -24.08
N ASP E 68 8.86 -21.80 -24.95
CA ASP E 68 7.70 -21.36 -25.76
C ASP E 68 6.57 -20.79 -24.92
N ALA E 69 6.56 -21.07 -23.64
CA ALA E 69 5.51 -20.47 -22.79
C ALA E 69 5.71 -18.98 -22.57
N TRP E 70 6.94 -18.49 -22.84
CA TRP E 70 7.30 -17.06 -22.70
C TRP E 70 7.95 -16.69 -24.03
N PRO E 71 7.13 -16.41 -25.06
CA PRO E 71 7.74 -16.45 -26.39
C PRO E 71 8.77 -15.35 -26.66
N THR E 72 8.69 -14.22 -25.98
CA THR E 72 9.69 -13.15 -26.18
C THR E 72 10.67 -13.07 -25.05
N CYS E 73 10.13 -13.21 -23.85
CA CYS E 73 10.88 -13.06 -22.61
C CYS E 73 11.67 -14.32 -22.23
N GLY E 74 11.38 -15.45 -22.87
CA GLY E 74 12.09 -16.70 -22.52
C GLY E 74 13.58 -16.65 -22.63
N ALA E 75 14.09 -16.03 -23.69
CA ALA E 75 15.53 -15.87 -23.91
C ALA E 75 16.27 -15.21 -22.76
N ALA E 76 15.58 -14.37 -21.99
CA ALA E 76 16.23 -13.77 -20.82
C ALA E 76 16.62 -14.77 -19.74
N SER E 77 16.04 -15.95 -19.75
CA SER E 77 16.40 -17.05 -18.85
C SER E 77 17.87 -17.44 -18.95
N GLY E 78 18.51 -17.09 -20.07
CA GLY E 78 19.89 -17.48 -20.28
C GLY E 78 20.03 -18.88 -20.84
N LEU E 79 18.93 -19.64 -20.99
CA LEU E 79 18.98 -20.92 -21.60
C LEU E 79 18.93 -20.73 -23.11
N PRO E 80 19.84 -21.38 -23.88
CA PRO E 80 19.77 -21.21 -25.33
C PRO E 80 18.38 -21.54 -25.93
N ILE E 81 17.76 -20.53 -26.52
CA ILE E 81 16.39 -20.69 -27.04
C ILE E 81 16.31 -21.76 -28.10
N ALA E 82 17.37 -21.93 -28.90
CA ALA E 82 17.31 -22.91 -29.97
C ALA E 82 17.22 -24.34 -29.43
N LEU E 83 17.67 -24.58 -28.20
CA LEU E 83 17.74 -25.95 -27.64
C LEU E 83 16.61 -26.22 -26.65
N TRP E 84 15.98 -25.18 -26.17
CA TRP E 84 15.07 -25.29 -25.05
C TRP E 84 13.65 -24.88 -25.47
N GLY F 1 9.54 26.12 -24.22
CA GLY F 1 9.72 25.52 -22.84
C GLY F 1 10.80 24.47 -22.70
N PRO F 2 11.41 24.35 -21.49
CA PRO F 2 12.15 23.11 -21.15
C PRO F 2 11.16 21.95 -21.11
N SER F 3 11.57 20.79 -21.63
CA SER F 3 10.71 19.68 -21.69
C SER F 3 11.28 18.39 -20.98
N PRO F 4 11.48 18.44 -19.63
CA PRO F 4 12.08 17.34 -18.93
C PRO F 4 11.23 16.07 -19.03
N ASN F 5 11.90 14.96 -19.27
CA ASN F 5 11.19 13.67 -19.32
C ASN F 5 11.27 13.09 -17.94
N TRP F 6 10.26 13.40 -17.12
CA TRP F 6 10.17 12.87 -15.78
C TRP F 6 9.72 11.38 -15.74
N ASP F 7 9.08 10.90 -16.77
CA ASP F 7 8.95 9.44 -16.91
C ASP F 7 10.25 8.68 -17.02
N ALA F 8 11.15 9.15 -17.88
CA ALA F 8 12.50 8.64 -17.90
C ALA F 8 13.23 8.71 -16.57
N VAL F 9 13.11 9.82 -15.83
CA VAL F 9 13.77 9.93 -14.56
C VAL F 9 13.12 8.92 -13.56
N ALA F 10 11.81 8.81 -13.58
CA ALA F 10 11.11 7.78 -12.71
C ALA F 10 11.44 6.37 -13.07
N GLN F 11 11.72 6.11 -14.34
CA GLN F 11 12.29 4.73 -14.73
C GLN F 11 13.59 4.47 -13.97
N CYS F 12 14.49 5.46 -14.04
CA CYS F 12 15.78 5.38 -13.38
CA CYS F 12 15.77 5.30 -13.36
C CYS F 12 15.68 5.21 -11.86
N GLU F 13 14.85 6.02 -11.24
CA GLU F 13 14.71 6.12 -9.82
C GLU F 13 13.94 4.98 -9.13
N SER F 14 12.87 4.49 -9.75
CA SER F 14 11.95 3.53 -9.20
C SER F 14 11.58 2.37 -10.06
N GLY F 15 12.08 2.32 -11.25
CA GLY F 15 11.57 1.40 -12.22
C GLY F 15 10.18 1.77 -12.66
N GLY F 16 9.76 3.05 -12.62
CA GLY F 16 8.63 3.50 -13.23
C GLY F 16 7.38 3.17 -12.32
N ASN F 17 7.61 3.12 -11.01
CA ASN F 17 6.55 2.76 -10.00
C ASN F 17 6.17 4.06 -9.26
N TRP F 18 5.13 4.71 -9.73
CA TRP F 18 4.74 6.04 -9.20
C TRP F 18 4.30 5.93 -7.72
N ALA F 19 3.89 4.78 -7.32
CA ALA F 19 3.42 4.45 -5.93
C ALA F 19 4.48 3.81 -5.10
N ALA F 20 5.75 3.86 -5.53
CA ALA F 20 6.86 3.24 -4.76
C ALA F 20 6.94 3.72 -3.32
N ASN F 21 6.89 2.76 -2.43
CA ASN F 21 7.08 3.03 -1.01
C ASN F 21 7.63 1.80 -0.45
N THR F 22 8.92 1.63 -0.61
CA THR F 22 9.53 0.40 -0.23
C THR F 22 10.13 0.39 1.23
N GLY F 23 10.20 1.54 1.88
CA GLY F 23 10.87 1.67 3.20
C GLY F 23 12.31 2.15 3.16
N ASN F 24 12.77 2.65 2.02
CA ASN F 24 14.12 3.13 1.88
C ASN F 24 14.24 4.63 2.17
N GLY F 25 13.21 5.22 2.76
CA GLY F 25 13.29 6.65 3.09
C GLY F 25 12.95 7.55 1.91
N LYS F 26 12.58 6.96 0.79
CA LYS F 26 12.18 7.73 -0.40
C LYS F 26 10.84 7.26 -0.91
N TYR F 27 10.19 8.13 -1.71
CA TYR F 27 8.77 7.91 -2.02
C TYR F 27 8.33 8.33 -3.38
N GLY F 28 7.54 7.46 -4.02
CA GLY F 28 6.91 7.69 -5.29
C GLY F 28 7.89 7.44 -6.44
N GLY F 29 7.49 7.88 -7.61
CA GLY F 29 8.18 7.47 -8.84
C GLY F 29 9.52 8.13 -9.03
N LEU F 30 9.62 9.32 -8.47
CA LEU F 30 10.82 10.08 -8.50
C LEU F 30 11.62 10.01 -7.15
N GLN F 31 11.20 9.11 -6.24
CA GLN F 31 11.97 8.78 -5.01
C GLN F 31 12.31 10.07 -4.21
N PHE F 32 11.27 10.84 -3.89
CA PHE F 32 11.41 12.08 -3.14
C PHE F 32 11.67 11.77 -1.72
N LYS F 33 12.56 12.55 -1.13
CA LYS F 33 12.73 12.58 0.34
C LYS F 33 11.65 13.44 0.94
N PRO F 34 11.10 13.06 2.09
CA PRO F 34 10.02 13.90 2.65
C PRO F 34 10.37 15.42 2.81
N ALA F 35 11.59 15.76 3.19
CA ALA F 35 11.95 17.18 3.42
C ALA F 35 11.94 17.98 2.11
N THR F 36 12.42 17.42 1.02
CA THR F 36 12.36 18.04 -0.30
C THR F 36 10.90 18.19 -0.80
N TRP F 37 10.10 17.14 -0.64
CA TRP F 37 8.69 17.19 -1.02
C TRP F 37 8.04 18.36 -0.28
N ALA F 38 8.19 18.42 1.02
CA ALA F 38 7.45 19.43 1.86
C ALA F 38 7.93 20.82 1.53
N ALA F 39 9.25 20.95 1.36
CA ALA F 39 9.86 22.21 1.04
C ALA F 39 9.29 22.79 -0.27
N PHE F 40 8.93 21.94 -1.24
CA PHE F 40 8.43 22.42 -2.52
C PHE F 40 6.90 22.35 -2.72
N GLY F 41 6.14 22.23 -1.62
CA GLY F 41 4.69 22.37 -1.68
C GLY F 41 3.91 21.13 -1.68
N GLY F 42 4.60 20.00 -1.59
CA GLY F 42 3.94 18.73 -1.54
C GLY F 42 3.41 18.48 -0.17
N VAL F 43 2.27 17.86 -0.12
CA VAL F 43 1.72 17.48 1.16
C VAL F 43 1.47 15.98 1.14
N GLY F 44 1.51 15.37 2.32
CA GLY F 44 1.27 13.95 2.50
C GLY F 44 2.42 13.11 1.90
N ASN F 45 2.13 11.83 1.66
CA ASN F 45 3.10 10.86 1.17
C ASN F 45 3.23 10.97 -0.35
N PRO F 46 4.43 11.24 -0.87
CA PRO F 46 4.53 11.42 -2.30
C PRO F 46 4.03 10.20 -3.08
N ALA F 47 4.10 9.03 -2.46
CA ALA F 47 3.62 7.79 -3.11
C ALA F 47 2.10 7.70 -3.27
N ALA F 48 1.36 8.45 -2.46
CA ALA F 48 -0.11 8.55 -2.59
C ALA F 48 -0.52 9.61 -3.61
N ALA F 49 0.43 10.46 -4.05
CA ALA F 49 0.12 11.51 -4.97
C ALA F 49 0.05 10.93 -6.38
N SER F 50 -0.76 11.49 -7.26
CA SER F 50 -0.78 11.14 -8.66
C SER F 50 0.59 11.41 -9.30
N ARG F 51 0.86 10.68 -10.36
CA ARG F 51 2.07 10.97 -11.24
C ARG F 51 2.06 12.45 -11.60
N GLU F 52 0.88 12.99 -12.01
CA GLU F 52 0.77 14.42 -12.38
C GLU F 52 1.23 15.36 -11.24
N GLN F 53 0.79 15.09 -10.02
CA GLN F 53 1.17 15.91 -8.82
C GLN F 53 2.63 15.77 -8.41
N GLN F 54 3.18 14.55 -8.54
CA GLN F 54 4.60 14.30 -8.26
C GLN F 54 5.38 15.12 -9.26
N ILE F 55 4.93 15.12 -10.51
CA ILE F 55 5.65 15.87 -11.56
C ILE F 55 5.60 17.37 -11.33
N ALA F 56 4.49 17.85 -10.87
CA ALA F 56 4.32 19.28 -10.53
C ALA F 56 5.32 19.67 -9.48
N VAL F 57 5.52 18.85 -8.43
CA VAL F 57 6.49 19.17 -7.39
C VAL F 57 7.89 19.10 -7.99
N ALA F 58 8.15 18.10 -8.85
CA ALA F 58 9.48 17.97 -9.40
C ALA F 58 9.83 19.18 -10.21
N ASN F 59 8.89 19.68 -11.01
CA ASN F 59 9.17 20.83 -11.83
C ASN F 59 9.60 22.07 -10.96
N ARG F 60 8.94 22.26 -9.83
CA ARG F 60 9.40 23.27 -8.88
C ARG F 60 10.84 23.04 -8.38
N VAL F 61 11.17 21.77 -8.07
CA VAL F 61 12.48 21.42 -7.52
C VAL F 61 13.53 21.72 -8.55
N LEU F 62 13.20 21.42 -9.78
CA LEU F 62 14.12 21.72 -10.88
C LEU F 62 14.44 23.20 -11.06
N ALA F 63 13.40 24.03 -11.06
CA ALA F 63 13.56 25.47 -11.14
C ALA F 63 14.47 26.04 -10.02
N GLU F 64 14.33 25.57 -8.79
CA GLU F 64 15.12 26.07 -7.66
C GLU F 64 16.56 25.46 -7.50
N GLN F 65 16.70 24.18 -7.72
CA GLN F 65 17.92 23.34 -7.37
C GLN F 65 18.63 22.70 -8.57
N GLY F 66 17.98 22.69 -9.72
CA GLY F 66 18.53 22.08 -10.90
C GLY F 66 18.44 20.54 -10.80
N LEU F 67 19.03 19.87 -11.77
CA LEU F 67 18.95 18.43 -11.78
C LEU F 67 19.85 17.82 -10.67
N ASP F 68 20.63 18.64 -9.98
CA ASP F 68 21.48 18.18 -8.88
C ASP F 68 20.63 17.53 -7.83
N ALA F 69 19.32 17.73 -7.88
CA ALA F 69 18.47 17.07 -6.94
C ALA F 69 18.33 15.54 -7.24
N TRP F 70 18.68 15.09 -8.45
CA TRP F 70 18.73 13.68 -8.90
C TRP F 70 20.13 13.46 -9.50
N PRO F 71 21.18 13.30 -8.63
CA PRO F 71 22.50 13.38 -9.15
C PRO F 71 22.88 12.33 -10.23
N THR F 72 22.30 11.14 -10.22
CA THR F 72 22.59 10.13 -11.26
C THR F 72 21.48 10.00 -12.31
N CYS F 73 20.24 10.08 -11.84
CA CYS F 73 19.05 9.93 -12.71
C CYS F 73 18.64 11.19 -13.45
N GLY F 74 19.14 12.36 -13.05
CA GLY F 74 18.78 13.59 -13.72
C GLY F 74 18.95 13.59 -15.20
N ALA F 75 20.09 13.07 -15.67
CA ALA F 75 20.43 13.05 -17.13
C ALA F 75 19.36 12.35 -17.97
N ALA F 76 18.58 11.43 -17.37
CA ALA F 76 17.48 10.81 -18.07
C ALA F 76 16.35 11.77 -18.44
N SER F 77 16.28 12.94 -17.79
CA SER F 77 15.35 13.98 -18.15
C SER F 77 15.49 14.37 -19.63
N GLY F 78 16.68 14.16 -20.19
CA GLY F 78 16.97 14.76 -21.53
C GLY F 78 17.49 16.21 -21.54
N LEU F 79 17.51 16.88 -20.40
CA LEU F 79 18.03 18.24 -20.36
C LEU F 79 19.58 18.20 -20.19
N PRO F 80 20.33 19.01 -20.93
CA PRO F 80 21.80 18.95 -20.76
C PRO F 80 22.21 19.19 -19.30
N ILE F 81 22.81 18.17 -18.69
CA ILE F 81 23.16 18.24 -17.27
C ILE F 81 24.16 19.38 -16.99
N ALA F 82 25.01 19.73 -17.93
CA ALA F 82 25.94 20.81 -17.69
C ALA F 82 25.23 22.16 -17.49
N LEU F 83 24.03 22.32 -18.04
CA LEU F 83 23.32 23.62 -18.05
C LEU F 83 22.26 23.68 -17.00
N TRP F 84 21.88 22.55 -16.49
CA TRP F 84 20.71 22.49 -15.63
C TRP F 84 20.97 21.84 -14.27
N SER F 85 22.21 21.56 -13.92
CA SER F 85 22.64 21.66 -12.53
C SER F 85 22.59 23.16 -12.11
N GLY G 1 -10.32 29.21 2.82
CA GLY G 1 -9.93 28.57 4.11
C GLY G 1 -8.92 27.45 4.02
N PRO G 2 -8.15 27.23 5.09
CA PRO G 2 -7.42 26.01 5.17
C PRO G 2 -8.41 24.86 5.45
N SER G 3 -8.06 23.69 4.99
CA SER G 3 -8.97 22.58 5.07
C SER G 3 -8.41 21.36 5.76
N PRO G 4 -8.25 21.45 7.09
CA PRO G 4 -7.55 20.37 7.78
C PRO G 4 -8.41 19.07 7.65
N ASN G 5 -7.76 17.94 7.40
CA ASN G 5 -8.50 16.64 7.35
C ASN G 5 -8.42 16.05 8.75
N TRP G 6 -9.38 16.43 9.58
CA TRP G 6 -9.47 15.94 10.94
C TRP G 6 -9.90 14.45 10.98
N ASP G 7 -10.53 13.96 9.93
CA ASP G 7 -10.77 12.47 9.87
C ASP G 7 -9.49 11.72 9.74
N ALA G 8 -8.56 12.27 8.94
CA ALA G 8 -7.20 11.68 8.89
C ALA G 8 -6.43 11.75 10.20
N VAL G 9 -6.52 12.86 10.94
CA VAL G 9 -5.88 13.00 12.21
C VAL G 9 -6.55 11.98 13.22
N ALA G 10 -7.85 11.85 13.15
CA ALA G 10 -8.56 10.87 14.04
C ALA G 10 -8.19 9.45 13.73
N GLN G 11 -7.96 9.12 12.46
CA GLN G 11 -7.50 7.73 12.09
C GLN G 11 -6.14 7.47 12.79
N CYS G 12 -5.23 8.47 12.74
CA CYS G 12 -3.93 8.38 13.42
CA CYS G 12 -3.94 8.26 13.42
C CYS G 12 -4.05 8.21 14.93
N GLU G 13 -4.90 9.04 15.54
CA GLU G 13 -4.95 9.19 16.97
C GLU G 13 -5.75 8.08 17.67
N SER G 14 -6.80 7.62 17.06
CA SER G 14 -7.77 6.67 17.71
C SER G 14 -8.12 5.48 16.82
N GLY G 15 -7.58 5.40 15.59
CA GLY G 15 -8.08 4.47 14.61
C GLY G 15 -9.42 4.85 14.05
N GLY G 16 -9.82 6.13 14.12
CA GLY G 16 -11.10 6.56 13.62
C GLY G 16 -12.32 6.34 14.56
N ASN G 17 -12.09 6.29 15.86
CA ASN G 17 -13.14 5.98 16.80
C ASN G 17 -13.49 7.30 17.55
N TRP G 18 -14.53 7.96 17.06
CA TRP G 18 -14.93 9.28 17.59
C TRP G 18 -15.40 9.16 19.05
N ALA G 19 -15.78 7.94 19.49
CA ALA G 19 -16.20 7.66 20.89
C ALA G 19 -15.10 7.03 21.75
N ALA G 20 -13.81 7.06 21.32
CA ALA G 20 -12.70 6.43 22.09
C ALA G 20 -12.59 6.93 23.53
N ASN G 21 -12.62 5.98 24.45
CA ASN G 21 -12.48 6.26 25.86
C ASN G 21 -11.90 5.01 26.50
N THR G 22 -10.61 4.82 26.31
CA THR G 22 -9.99 3.60 26.68
C THR G 22 -9.34 3.64 28.08
N GLY G 23 -9.35 4.78 28.72
CA GLY G 23 -8.70 4.95 30.04
C GLY G 23 -7.28 5.48 30.01
N ASN G 24 -6.84 6.00 28.87
CA ASN G 24 -5.46 6.41 28.73
C ASN G 24 -5.36 7.90 29.00
N GLY G 25 -6.38 8.49 29.61
CA GLY G 25 -6.31 9.91 29.93
C GLY G 25 -6.60 10.80 28.73
N LYS G 26 -7.01 10.20 27.59
CA LYS G 26 -7.39 10.94 26.39
C LYS G 26 -8.74 10.46 25.88
N TYR G 27 -9.41 11.32 25.12
CA TYR G 27 -10.82 11.12 24.84
C TYR G 27 -11.24 11.54 23.45
N GLY G 28 -12.04 10.68 22.83
CA GLY G 28 -12.62 10.91 21.53
C GLY G 28 -11.72 10.56 20.38
N GLY G 29 -12.14 11.00 19.17
CA GLY G 29 -11.48 10.61 17.95
C GLY G 29 -10.12 11.28 17.75
N LEU G 30 -10.00 12.47 18.34
CA LEU G 30 -8.79 13.21 18.32
C LEU G 30 -8.02 13.18 19.64
N GLN G 31 -8.44 12.32 20.56
CA GLN G 31 -7.63 11.99 21.77
C GLN G 31 -7.25 13.28 22.54
N PHE G 32 -8.26 14.05 22.87
CA PHE G 32 -8.13 15.28 23.64
C PHE G 32 -7.84 14.92 25.07
N LYS G 33 -6.94 15.69 25.67
CA LYS G 33 -6.82 15.72 27.12
C LYS G 33 -7.97 16.59 27.71
N PRO G 34 -8.54 16.21 28.84
CA PRO G 34 -9.56 17.09 29.43
C PRO G 34 -9.19 18.60 29.55
N ALA G 35 -7.95 18.95 29.94
CA ALA G 35 -7.61 20.37 30.19
C ALA G 35 -7.63 21.18 28.90
N THR G 36 -7.17 20.59 27.81
CA THR G 36 -7.22 21.22 26.51
C THR G 36 -8.67 21.39 26.01
N TRP G 37 -9.47 20.35 26.18
CA TRP G 37 -10.86 20.38 25.76
C TRP G 37 -11.52 21.56 26.48
N ALA G 38 -11.40 21.61 27.81
CA ALA G 38 -12.12 22.60 28.63
C ALA G 38 -11.64 24.00 28.30
N ALA G 39 -10.32 24.14 28.12
CA ALA G 39 -9.70 25.39 27.82
C ALA G 39 -10.24 25.98 26.51
N PHE G 40 -10.63 25.12 25.56
CA PHE G 40 -11.12 25.59 24.28
C PHE G 40 -12.63 25.51 24.05
N GLY G 41 -13.39 25.43 25.13
CA GLY G 41 -14.83 25.58 25.06
C GLY G 41 -15.61 24.30 25.00
N GLY G 42 -14.92 23.18 25.10
CA GLY G 42 -15.60 21.92 25.20
C GLY G 42 -16.17 21.72 26.60
N VAL G 43 -17.34 21.12 26.67
CA VAL G 43 -17.88 20.74 27.94
C VAL G 43 -18.10 19.22 27.92
N GLY G 44 -18.04 18.62 29.12
CA GLY G 44 -18.29 17.20 29.28
C GLY G 44 -17.17 16.34 28.72
N ASN G 45 -17.47 15.07 28.50
CA ASN G 45 -16.52 14.12 28.00
C ASN G 45 -16.37 14.28 26.47
N PRO G 46 -15.14 14.50 25.96
CA PRO G 46 -15.02 14.65 24.50
C PRO G 46 -15.52 13.41 23.71
N ALA G 47 -15.47 12.22 24.33
CA ALA G 47 -15.98 11.01 23.68
C ALA G 47 -17.48 10.95 23.54
N ALA G 48 -18.23 11.77 24.30
CA ALA G 48 -19.69 11.86 24.20
C ALA G 48 -20.12 12.95 23.19
N ALA G 49 -19.17 13.78 22.77
CA ALA G 49 -19.46 14.82 21.81
C ALA G 49 -19.52 14.24 20.42
N SER G 50 -20.36 14.77 19.57
CA SER G 50 -20.37 14.38 18.15
C SER G 50 -19.00 14.60 17.52
N ARG G 51 -18.73 13.85 16.46
CA ARG G 51 -17.52 14.16 15.58
C ARG G 51 -17.51 15.67 15.21
N GLU G 52 -18.68 16.19 14.82
CA GLU G 52 -18.75 17.65 14.43
C GLU G 52 -18.34 18.60 15.58
N GLN G 53 -18.75 18.30 16.82
CA GLN G 53 -18.36 19.11 17.99
C GLN G 53 -16.88 19.00 18.34
N GLN G 54 -16.35 17.78 18.20
CA GLN G 54 -14.95 17.52 18.49
C GLN G 54 -14.10 18.30 17.51
N ILE G 55 -14.52 18.31 16.24
CA ILE G 55 -13.82 19.04 15.18
C ILE G 55 -13.90 20.54 15.38
N ALA G 56 -15.05 21.02 15.84
CA ALA G 56 -15.21 22.46 16.18
C ALA G 56 -14.20 22.84 17.24
N VAL G 57 -14.09 22.06 18.31
CA VAL G 57 -13.06 22.34 19.32
C VAL G 57 -11.62 22.23 18.74
N ALA G 58 -11.37 21.22 17.90
CA ALA G 58 -10.03 21.08 17.34
C ALA G 58 -9.66 22.29 16.50
N ASN G 59 -10.59 22.82 15.72
CA ASN G 59 -10.32 24.01 14.91
C ASN G 59 -9.87 25.21 15.78
N ARG G 60 -10.49 25.39 16.94
CA ARG G 60 -10.03 26.43 17.89
C ARG G 60 -8.61 26.17 18.43
N VAL G 61 -8.30 24.89 18.75
CA VAL G 61 -6.99 24.49 19.28
C VAL G 61 -5.92 24.76 18.25
N LEU G 62 -6.27 24.44 17.01
CA LEU G 62 -5.37 24.72 15.89
C LEU G 62 -4.99 26.22 15.79
N ALA G 63 -6.02 27.07 15.80
CA ALA G 63 -5.84 28.52 15.69
C ALA G 63 -4.92 29.05 16.79
N GLU G 64 -5.07 28.59 18.02
CA GLU G 64 -4.29 29.11 19.16
C GLU G 64 -2.90 28.46 19.38
N GLN G 65 -2.79 27.16 19.16
CA GLN G 65 -1.60 26.32 19.49
C GLN G 65 -0.89 25.66 18.27
N GLY G 66 -1.52 25.70 17.11
CA GLY G 66 -0.99 25.05 15.92
C GLY G 66 -1.12 23.52 16.00
N LEU G 67 -0.57 22.84 15.02
CA LEU G 67 -0.62 21.41 15.00
C LEU G 67 0.28 20.79 16.08
N ASP G 68 1.07 21.61 16.80
CA ASP G 68 1.88 21.13 17.93
C ASP G 68 1.02 20.45 19.00
N ALA G 69 -0.28 20.71 18.97
CA ALA G 69 -1.15 20.04 19.88
C ALA G 69 -1.28 18.52 19.56
N TRP G 70 -0.92 18.09 18.35
CA TRP G 70 -0.87 16.70 17.88
C TRP G 70 0.50 16.41 17.27
N PRO G 71 1.51 16.13 18.12
CA PRO G 71 2.85 16.28 17.59
C PRO G 71 3.23 15.26 16.51
N THR G 72 2.64 14.06 16.52
CA THR G 72 2.93 13.08 15.46
C THR G 72 1.83 12.99 14.44
N CYS G 73 0.62 13.00 14.92
CA CYS G 73 -0.58 12.89 14.08
C CYS G 73 -0.98 14.15 13.28
N GLY G 74 -0.48 15.31 13.70
CA GLY G 74 -0.87 16.56 13.05
C GLY G 74 -0.68 16.55 11.57
N ALA G 75 0.43 15.98 11.09
CA ALA G 75 0.76 15.97 9.63
C ALA G 75 -0.33 15.33 8.80
N ALA G 76 -1.04 14.36 9.38
CA ALA G 76 -2.19 13.74 8.67
C ALA G 76 -3.32 14.75 8.31
N SER G 77 -3.36 15.94 8.95
CA SER G 77 -4.28 17.00 8.60
C SER G 77 -4.15 17.39 7.11
N GLY G 78 -2.98 17.15 6.52
CA GLY G 78 -2.71 17.74 5.17
C GLY G 78 -2.22 19.21 5.17
N LEU G 79 -2.16 19.87 6.32
CA LEU G 79 -1.57 21.19 6.41
C LEU G 79 -0.06 21.12 6.59
N PRO G 80 0.72 21.99 5.90
CA PRO G 80 2.20 21.88 6.08
C PRO G 80 2.59 22.12 7.54
N ILE G 81 3.17 21.10 8.15
CA ILE G 81 3.54 21.17 9.55
C ILE G 81 4.46 22.31 9.90
N ALA G 82 5.39 22.65 9.03
CA ALA G 82 6.28 23.71 9.32
C ALA G 82 5.56 25.07 9.52
N LEU G 83 4.42 25.26 8.87
CA LEU G 83 3.74 26.57 8.81
C LEU G 83 2.66 26.69 9.84
N TRP G 84 2.28 25.58 10.38
CA TRP G 84 1.12 25.52 11.23
C TRP G 84 1.40 24.85 12.57
N SER G 85 2.66 24.67 12.93
CA SER G 85 3.07 24.39 14.32
C SER G 85 2.93 25.73 15.16
N LYS G 86 2.34 26.74 14.50
CA LYS G 86 2.29 28.17 14.86
C LYS G 86 1.02 28.62 15.59
N PRO H 2 -36.19 14.87 0.75
CA PRO H 2 -35.62 13.73 1.45
C PRO H 2 -34.20 14.07 1.86
N SER H 3 -33.81 13.66 3.05
CA SER H 3 -32.45 13.95 3.43
C SER H 3 -31.86 12.62 3.82
N PRO H 4 -31.11 11.91 2.92
CA PRO H 4 -30.53 10.61 3.39
C PRO H 4 -29.55 10.87 4.51
N ASN H 5 -29.60 10.06 5.58
CA ASN H 5 -28.65 10.29 6.67
C ASN H 5 -27.43 9.46 6.41
N TRP H 6 -26.47 10.06 5.69
CA TRP H 6 -25.22 9.36 5.31
C TRP H 6 -24.30 9.14 6.53
N ASP H 7 -24.44 9.93 7.59
CA ASP H 7 -23.70 9.69 8.83
C ASP H 7 -24.22 8.40 9.43
N ALA H 8 -25.54 8.18 9.47
CA ALA H 8 -26.10 6.89 9.89
C ALA H 8 -25.61 5.70 9.03
N VAL H 9 -25.55 5.87 7.70
CA VAL H 9 -25.05 4.79 6.84
C VAL H 9 -23.53 4.51 7.17
N ALA H 10 -22.77 5.60 7.41
CA ALA H 10 -21.33 5.50 7.60
C ALA H 10 -21.07 4.85 8.96
N GLN H 11 -21.94 5.13 9.93
CA GLN H 11 -21.86 4.38 11.23
C GLN H 11 -21.99 2.82 10.99
N CYS H 12 -22.92 2.45 10.14
CA CYS H 12 -23.19 1.06 9.79
C CYS H 12 -22.03 0.42 9.08
N GLU H 13 -21.56 1.16 8.09
CA GLU H 13 -20.52 0.67 7.16
C GLU H 13 -19.16 0.61 7.79
N SER H 14 -18.77 1.59 8.59
CA SER H 14 -17.41 1.74 8.96
C SER H 14 -17.24 2.05 10.43
N GLY H 15 -18.32 2.10 11.17
CA GLY H 15 -18.24 2.62 12.50
C GLY H 15 -17.96 4.10 12.59
N GLY H 16 -18.31 4.86 11.56
CA GLY H 16 -18.22 6.29 11.60
C GLY H 16 -16.81 6.80 11.34
N ASN H 17 -15.99 6.01 10.65
CA ASN H 17 -14.65 6.46 10.27
C ASN H 17 -14.61 6.85 8.83
N TRP H 18 -14.58 8.15 8.59
CA TRP H 18 -14.59 8.69 7.21
C TRP H 18 -13.26 8.43 6.52
N ALA H 19 -12.19 8.14 7.29
CA ALA H 19 -10.89 7.80 6.67
C ALA H 19 -10.60 6.32 6.67
N ALA H 20 -11.59 5.45 6.85
CA ALA H 20 -11.39 4.01 6.88
C ALA H 20 -10.66 3.42 5.67
N ASN H 21 -9.60 2.68 5.98
CA ASN H 21 -8.78 2.06 4.93
C ASN H 21 -8.09 0.88 5.57
N THR H 22 -8.86 -0.19 5.82
CA THR H 22 -8.41 -1.27 6.68
C THR H 22 -7.81 -2.38 5.85
N GLY H 23 -7.91 -2.28 4.52
CA GLY H 23 -7.37 -3.28 3.62
C GLY H 23 -8.40 -4.37 3.28
N ASN H 24 -9.68 -4.07 3.46
CA ASN H 24 -10.74 -4.97 3.04
C ASN H 24 -11.26 -4.67 1.63
N GLY H 25 -10.53 -3.87 0.84
CA GLY H 25 -10.95 -3.61 -0.52
C GLY H 25 -11.98 -2.53 -0.62
N LYS H 26 -12.30 -1.88 0.51
CA LYS H 26 -13.27 -0.80 0.55
C LYS H 26 -12.62 0.42 1.23
N TYR H 27 -13.11 1.55 0.88
CA TYR H 27 -12.50 2.83 1.33
C TYR H 27 -13.49 3.89 1.83
N GLY H 28 -13.18 4.48 2.98
CA GLY H 28 -13.89 5.67 3.47
C GLY H 28 -15.02 5.27 4.34
N GLY H 29 -15.80 6.28 4.70
CA GLY H 29 -16.85 6.13 5.71
C GLY H 29 -18.01 5.32 5.17
N LEU H 30 -18.18 5.32 3.84
CA LEU H 30 -19.23 4.61 3.25
C LEU H 30 -18.77 3.34 2.50
N GLN H 31 -17.51 3.00 2.70
CA GLN H 31 -16.94 1.76 2.23
C GLN H 31 -17.16 1.56 0.76
N PHE H 32 -16.75 2.56 -0.03
CA PHE H 32 -16.79 2.44 -1.50
C PHE H 32 -15.74 1.47 -2.06
N LYS H 33 -16.13 0.70 -3.07
CA LYS H 33 -15.18 -0.03 -3.89
C LYS H 33 -14.55 0.91 -4.93
N PRO H 34 -13.24 0.72 -5.29
CA PRO H 34 -12.63 1.68 -6.21
C PRO H 34 -13.35 1.84 -7.55
N ALA H 35 -13.88 0.75 -8.11
CA ALA H 35 -14.60 0.84 -9.37
C ALA H 35 -15.90 1.69 -9.27
N THR H 36 -16.65 1.60 -8.17
CA THR H 36 -17.88 2.41 -8.00
C THR H 36 -17.54 3.86 -7.82
N TRP H 37 -16.53 4.13 -7.01
CA TRP H 37 -16.10 5.48 -6.73
C TRP H 37 -15.71 6.15 -8.08
N ALA H 38 -14.86 5.49 -8.86
CA ALA H 38 -14.37 6.05 -10.15
C ALA H 38 -15.51 6.20 -11.17
N ALA H 39 -16.40 5.21 -11.24
CA ALA H 39 -17.58 5.27 -12.11
C ALA H 39 -18.47 6.48 -11.85
N PHE H 40 -18.57 6.93 -10.62
CA PHE H 40 -19.42 8.04 -10.23
C PHE H 40 -18.70 9.37 -9.96
N GLY H 41 -17.49 9.52 -10.49
CA GLY H 41 -16.81 10.81 -10.53
C GLY H 41 -15.81 11.06 -9.44
N GLY H 42 -15.59 10.08 -8.60
CA GLY H 42 -14.61 10.20 -7.55
C GLY H 42 -13.21 10.00 -8.08
N VAL H 43 -12.29 10.78 -7.54
CA VAL H 43 -10.89 10.63 -7.91
C VAL H 43 -10.11 10.31 -6.65
N GLY H 44 -9.02 9.57 -6.83
CA GLY H 44 -8.13 9.25 -5.75
C GLY H 44 -8.76 8.22 -4.81
N ASN H 45 -8.14 8.10 -3.64
CA ASN H 45 -8.58 7.19 -2.61
C ASN H 45 -9.76 7.78 -1.88
N PRO H 46 -10.90 7.02 -1.81
CA PRO H 46 -12.04 7.62 -1.13
C PRO H 46 -11.79 8.02 0.37
N ALA H 47 -10.87 7.34 1.02
CA ALA H 47 -10.49 7.61 2.39
C ALA H 47 -9.74 8.89 2.62
N ALA H 48 -9.17 9.44 1.55
CA ALA H 48 -8.49 10.77 1.57
C ALA H 48 -9.42 11.90 1.19
N ALA H 49 -10.64 11.55 0.74
CA ALA H 49 -11.61 12.56 0.32
C ALA H 49 -12.31 13.01 1.59
N SER H 50 -12.74 14.26 1.63
CA SER H 50 -13.50 14.79 2.75
C SER H 50 -14.79 13.97 2.90
N ARG H 51 -15.37 13.96 4.10
CA ARG H 51 -16.73 13.44 4.27
C ARG H 51 -17.64 14.04 3.23
N GLU H 52 -17.56 15.37 3.02
CA GLU H 52 -18.49 16.07 2.10
C GLU H 52 -18.33 15.56 0.64
N GLN H 53 -17.11 15.28 0.21
CA GLN H 53 -16.84 14.70 -1.13
C GLN H 53 -17.33 13.23 -1.24
N GLN H 54 -17.16 12.44 -0.16
CA GLN H 54 -17.62 11.07 -0.15
C GLN H 54 -19.15 11.02 -0.24
N ILE H 55 -19.81 11.95 0.45
CA ILE H 55 -21.26 12.08 0.37
C ILE H 55 -21.75 12.53 -1.00
N ALA H 56 -21.05 13.47 -1.63
CA ALA H 56 -21.39 13.91 -2.97
C ALA H 56 -21.42 12.71 -3.91
N VAL H 57 -20.38 11.87 -3.85
CA VAL H 57 -20.33 10.65 -4.67
C VAL H 57 -21.45 9.69 -4.29
N ALA H 58 -21.73 9.52 -3.00
CA ALA H 58 -22.83 8.63 -2.59
C ALA H 58 -24.18 9.09 -3.18
N ASN H 59 -24.42 10.41 -3.21
CA ASN H 59 -25.71 10.94 -3.69
C ASN H 59 -25.91 10.60 -5.14
N ARG H 60 -24.85 10.69 -5.94
CA ARG H 60 -24.87 10.19 -7.33
C ARG H 60 -25.14 8.67 -7.50
N VAL H 61 -24.48 7.85 -6.69
CA VAL H 61 -24.73 6.40 -6.65
C VAL H 61 -26.18 6.06 -6.24
N LEU H 62 -26.68 6.79 -5.29
CA LEU H 62 -28.12 6.66 -4.92
C LEU H 62 -29.06 6.91 -6.08
N ALA H 63 -28.84 8.01 -6.80
CA ALA H 63 -29.71 8.40 -7.93
C ALA H 63 -29.70 7.31 -9.00
N GLU H 64 -28.56 6.74 -9.30
CA GLU H 64 -28.45 5.75 -10.40
C GLU H 64 -28.82 4.30 -10.02
N GLN H 65 -28.48 3.89 -8.78
CA GLN H 65 -28.58 2.51 -8.33
C GLN H 65 -29.58 2.28 -7.18
N GLY H 66 -30.03 3.34 -6.52
CA GLY H 66 -30.82 3.21 -5.29
C GLY H 66 -30.04 2.72 -4.07
N LEU H 67 -30.75 2.48 -2.96
CA LEU H 67 -30.09 2.03 -1.74
C LEU H 67 -29.61 0.59 -1.86
N ASP H 68 -29.98 -0.11 -2.92
CA ASP H 68 -29.37 -1.43 -3.29
C ASP H 68 -27.83 -1.38 -3.35
N ALA H 69 -27.25 -0.19 -3.49
CA ALA H 69 -25.80 -0.10 -3.44
C ALA H 69 -25.22 -0.38 -2.05
N TRP H 70 -26.04 -0.25 -1.01
CA TRP H 70 -25.67 -0.52 0.39
C TRP H 70 -26.75 -1.52 0.89
N PRO H 71 -26.61 -2.79 0.51
CA PRO H 71 -27.72 -3.71 0.74
C PRO H 71 -28.16 -3.96 2.21
N THR H 72 -27.28 -3.89 3.18
CA THR H 72 -27.69 -3.97 4.62
C THR H 72 -27.78 -2.60 5.36
N CYS H 73 -26.83 -1.74 5.06
CA CYS H 73 -26.72 -0.46 5.68
C CYS H 73 -27.59 0.66 5.07
N GLY H 74 -28.09 0.46 3.87
CA GLY H 74 -28.96 1.47 3.25
C GLY H 74 -30.11 1.95 4.11
N ALA H 75 -30.79 1.02 4.83
CA ALA H 75 -31.94 1.38 5.68
C ALA H 75 -31.59 2.44 6.72
N ALA H 76 -30.31 2.50 7.14
CA ALA H 76 -29.90 3.51 8.11
C ALA H 76 -30.05 4.96 7.57
N SER H 77 -30.19 5.12 6.22
CA SER H 77 -30.38 6.38 5.60
C SER H 77 -31.68 7.07 6.08
N GLY H 78 -32.61 6.30 6.65
CA GLY H 78 -33.88 6.81 7.00
C GLY H 78 -34.85 6.89 5.81
N LEU H 79 -34.42 6.54 4.60
CA LEU H 79 -35.28 6.55 3.48
C LEU H 79 -35.98 5.19 3.45
N PRO H 80 -37.30 5.17 3.32
CA PRO H 80 -37.94 3.83 3.25
C PRO H 80 -37.36 2.90 2.16
N ILE H 81 -36.76 1.81 2.62
CA ILE H 81 -36.07 0.90 1.66
C ILE H 81 -37.02 0.34 0.57
N ALA H 82 -38.30 0.13 0.90
CA ALA H 82 -39.22 -0.40 -0.06
C ALA H 82 -39.43 0.56 -1.25
N LEU H 83 -39.21 1.86 -1.05
CA LEU H 83 -39.48 2.85 -2.04
C LEU H 83 -38.21 3.29 -2.77
N TRP H 84 -37.05 3.05 -2.16
CA TRP H 84 -35.80 3.63 -2.65
C TRP H 84 -34.68 2.62 -2.87
N SER H 85 -35.00 1.31 -2.78
CA SER H 85 -33.95 0.28 -2.93
C SER H 85 -33.51 0.39 -4.35
N LYS H 86 -34.50 0.83 -5.10
CA LYS H 86 -34.63 0.90 -6.51
C LYS H 86 -33.73 -0.03 -7.27
C1 EDO I . 15.67 -0.50 -8.11
O1 EDO I . 14.74 -1.24 -8.94
C2 EDO I . 15.86 1.03 -8.21
O2 EDO I . 15.67 1.95 -7.02
C1 EDO J . 2.61 -24.34 -0.74
O1 EDO J . 3.05 -24.19 -2.12
C2 EDO J . 3.60 -25.20 -0.02
O2 EDO J . 2.97 -26.35 0.65
#